data_4PX3
#
_entry.id   4PX3
#
_cell.length_a   148.873
_cell.length_b   148.873
_cell.length_c   132.326
_cell.angle_alpha   90.00
_cell.angle_beta   90.00
_cell.angle_gamma   120.00
#
_symmetry.space_group_name_H-M   'P 65'
#
loop_
_entity.id
_entity.type
_entity.pdbx_description
1 polymer 'Glucokinase regulatory protein'
2 non-polymer N-[(R)-1-benzothiophen-2-yl(2-chlorophenyl)methyl]-3,4-dihydro-2H-1,5-benzodioxepine-7-sulfonamide
3 non-polymer D-SORBITOL-6-PHOSPHATE
4 non-polymer 'IODIDE ION'
5 non-polymer GLYCEROL
6 non-polymer 'SULFATE ION'
7 water water
#
_entity_poly.entity_id   1
_entity_poly.type   'polypeptide(L)'
_entity_poly.pdbx_seq_one_letter_code
;MAHHHHHHDEVDMPGTKRFQHVIETPEPGKWELSGYEAAVPITEKSNPLTQDLDKADAENIVRLLGQCDAEIFQEEGQAL
STYQRLYSESILTTMVQVAGKVQEVLKEPDGGLVVLSGGGTSGRMAFLMSVSFNQLMKGLGQKPLYTYLIAGGDRSVVAS
REGTEDSALHGIEELKKVAAGKKRVIVIGISVGLSAPFVAGQMDCCMNNTAVFLPVLVGFNPVSMARNDPIEDWSSTFRQ
VAERMQKMQEKQKAFVLNPAIGPEGLSGSSRMKGGSATKILLETLLLAAHKTVDQGIAASQRCLLEILRTFERAHQVTYS
QSPKIATLMKSVSTSLEKKGHVYLVGWQTLGIIAIMDGVECIHTFGADFRDVRGFLIGDHSDMFNQKAELTNQGPQFTFS
QEDFLTSILPSLTEIDTVVFIFTLDDNLTEVQTIVEQVKEKTNHIQALAHSTVGQTLPIPLKKLFPSIISITWPLLFFEY
EGNFIQKFQRELSTKWVLNTVSTGAHVLLGKILQNHMLDLRISNSKLFWRALAMLQRFSGQSKARCIESLLRAIHFPQPL
SDDIRAAPISCHVQVAHEKEQVIPIALLSLLFRCSITEAQAHLAAAPSVCEAVRSALAGPGQKRTADPLEILEPDVQG
;
_entity_poly.pdbx_strand_id   A,B
#
# COMPACT_ATOMS: atom_id res chain seq x y z
N MET A 13 17.35 11.45 11.61
CA MET A 13 18.66 11.45 10.89
C MET A 13 18.54 10.66 9.58
N PRO A 14 19.44 10.89 8.61
CA PRO A 14 19.45 10.10 7.36
C PRO A 14 19.63 8.56 7.53
N GLY A 15 18.83 7.80 6.80
CA GLY A 15 18.77 6.35 6.96
C GLY A 15 17.81 5.84 8.01
N THR A 16 17.19 6.72 8.79
CA THR A 16 16.33 6.20 9.83
C THR A 16 15.13 5.51 9.17
N LYS A 17 14.62 6.09 8.07
CA LYS A 17 13.44 5.53 7.36
C LYS A 17 13.74 4.18 6.70
N ARG A 18 14.81 4.09 5.92
CA ARG A 18 15.08 2.89 5.15
C ARG A 18 15.23 1.65 6.04
N PHE A 19 15.53 1.89 7.32
CA PHE A 19 15.88 0.85 8.24
C PHE A 19 14.98 0.91 9.42
N GLN A 20 13.85 1.61 9.27
CA GLN A 20 12.82 1.74 10.31
C GLN A 20 12.34 0.39 10.81
N HIS A 21 11.98 -0.48 9.87
CA HIS A 21 11.52 -1.86 10.14
C HIS A 21 12.54 -2.83 10.73
N VAL A 22 13.82 -2.44 10.85
CA VAL A 22 14.81 -3.39 11.40
C VAL A 22 14.67 -3.45 12.90
N ILE A 23 14.67 -4.64 13.48
CA ILE A 23 14.60 -4.83 14.93
C ILE A 23 16.00 -4.73 15.54
N GLU A 24 16.11 -4.12 16.73
CA GLU A 24 17.38 -3.97 17.40
C GLU A 24 17.91 -5.32 17.79
N THR A 25 19.23 -5.43 17.80
CA THR A 25 19.88 -6.63 18.26
C THR A 25 19.57 -6.85 19.71
N PRO A 26 19.33 -8.08 20.11
CA PRO A 26 19.10 -8.26 21.54
C PRO A 26 20.41 -8.31 22.30
N GLU A 27 20.38 -7.93 23.59
CA GLU A 27 21.54 -8.11 24.47
C GLU A 27 21.72 -9.59 24.81
N PRO A 28 22.96 -10.04 24.97
CA PRO A 28 23.24 -11.49 24.95
C PRO A 28 22.40 -12.26 25.96
N GLY A 29 21.88 -13.43 25.56
CA GLY A 29 21.05 -14.23 26.44
C GLY A 29 19.55 -13.96 26.41
N LYS A 30 19.16 -12.71 26.10
CA LYS A 30 17.72 -12.41 25.90
C LYS A 30 17.29 -12.39 24.41
N TRP A 31 17.75 -13.39 23.64
CA TRP A 31 17.39 -13.49 22.23
C TRP A 31 15.89 -13.81 22.12
N GLU A 32 15.53 -14.92 22.77
CA GLU A 32 14.14 -15.29 23.06
C GLU A 32 13.32 -14.14 23.63
N LEU A 33 13.78 -13.58 24.76
CA LEU A 33 12.93 -12.71 25.62
C LEU A 33 12.69 -11.27 25.10
N SER A 34 13.56 -10.76 24.24
CA SER A 34 13.28 -9.51 23.54
C SER A 34 12.15 -9.64 22.49
N GLY A 35 11.79 -10.86 22.09
CA GLY A 35 10.83 -11.09 21.02
C GLY A 35 11.39 -10.94 19.61
N TYR A 36 12.71 -10.89 19.49
CA TYR A 36 13.33 -10.83 18.17
C TYR A 36 13.15 -12.20 17.48
N GLU A 37 13.43 -13.30 18.19
CA GLU A 37 13.40 -14.61 17.54
C GLU A 37 12.00 -14.91 17.06
N ALA A 38 10.99 -14.44 17.77
CA ALA A 38 9.60 -14.69 17.36
C ALA A 38 9.19 -13.89 16.11
N ALA A 39 9.96 -12.85 15.79
CA ALA A 39 9.80 -12.14 14.55
C ALA A 39 10.56 -12.70 13.33
N VAL A 40 11.55 -13.57 13.55
CA VAL A 40 12.31 -14.16 12.42
C VAL A 40 11.36 -15.02 11.66
N PRO A 41 11.12 -14.70 10.38
CA PRO A 41 10.22 -15.60 9.60
C PRO A 41 10.71 -17.05 9.62
N ILE A 42 9.78 -18.00 9.59
CA ILE A 42 10.15 -19.45 9.59
C ILE A 42 11.10 -19.78 8.47
N THR A 43 10.92 -19.13 7.32
CA THR A 43 11.74 -19.43 6.16
C THR A 43 13.15 -18.88 6.31
N GLU A 44 13.35 -17.92 7.21
CA GLU A 44 14.69 -17.44 7.52
C GLU A 44 15.27 -18.02 8.82
N LYS A 45 14.51 -18.79 9.59
CA LYS A 45 15.04 -19.31 10.83
C LYS A 45 16.19 -20.31 10.62
N SER A 46 17.06 -20.37 11.62
CA SER A 46 18.03 -21.41 11.78
C SER A 46 17.33 -22.71 12.21
N ASN A 47 17.51 -23.81 11.50
CA ASN A 47 16.81 -25.06 11.86
C ASN A 47 17.61 -25.74 12.95
N PRO A 48 17.00 -25.99 14.13
CA PRO A 48 17.82 -26.49 15.27
C PRO A 48 18.47 -27.90 15.07
N LEU A 49 17.85 -28.72 14.23
CA LEU A 49 18.45 -29.95 13.76
C LEU A 49 19.77 -29.79 13.04
N THR A 50 20.10 -28.59 12.58
CA THR A 50 21.32 -28.40 11.80
C THR A 50 22.24 -27.40 12.44
N GLN A 51 22.15 -27.16 13.74
CA GLN A 51 23.04 -26.17 14.36
C GLN A 51 24.50 -26.59 14.21
N ASP A 52 24.77 -27.91 14.08
CA ASP A 52 26.16 -28.42 13.87
C ASP A 52 26.32 -29.09 12.52
N LEU A 53 25.74 -28.50 11.50
CA LEU A 53 25.74 -29.10 10.18
C LEU A 53 27.12 -29.04 9.59
N ASP A 54 27.90 -28.05 10.01
CA ASP A 54 29.23 -27.90 9.46
C ASP A 54 30.20 -28.95 10.04
N LYS A 55 29.78 -29.75 11.03
CA LYS A 55 30.67 -30.79 11.59
C LYS A 55 30.26 -32.20 11.18
N ALA A 56 29.11 -32.34 10.57
CA ALA A 56 28.60 -33.66 10.30
C ALA A 56 29.41 -34.28 9.17
N ASP A 57 29.58 -35.61 9.22
CA ASP A 57 30.19 -36.33 8.11
C ASP A 57 29.10 -36.55 7.04
N ALA A 58 29.41 -37.26 5.97
CA ALA A 58 28.51 -37.27 4.84
C ALA A 58 27.18 -37.95 5.14
N GLU A 59 27.23 -39.07 5.87
CA GLU A 59 26.04 -39.86 6.18
C GLU A 59 25.07 -39.09 7.12
N ASN A 60 25.61 -38.33 8.06
CA ASN A 60 24.79 -37.49 8.91
C ASN A 60 24.12 -36.29 8.22
N ILE A 61 24.84 -35.67 7.30
CA ILE A 61 24.29 -34.63 6.50
C ILE A 61 23.03 -35.13 5.85
N VAL A 62 23.10 -36.31 5.20
CA VAL A 62 21.94 -36.91 4.51
C VAL A 62 20.82 -37.15 5.51
N ARG A 63 21.19 -37.65 6.68
CA ARG A 63 20.20 -37.98 7.69
C ARG A 63 19.54 -36.71 8.23
N LEU A 64 20.32 -35.64 8.32
CA LEU A 64 19.85 -34.38 8.84
C LEU A 64 19.00 -33.62 7.83
N LEU A 65 19.43 -33.54 6.59
CA LEU A 65 18.56 -33.00 5.52
C LEU A 65 17.27 -33.80 5.20
N GLY A 66 17.30 -35.12 5.34
CA GLY A 66 16.11 -35.97 5.16
C GLY A 66 15.09 -35.71 6.24
N GLN A 67 15.60 -35.42 7.42
CA GLN A 67 14.81 -35.13 8.55
C GLN A 67 14.19 -33.72 8.41
N CYS A 68 14.95 -32.74 7.94
CA CYS A 68 14.43 -31.41 7.69
C CYS A 68 13.34 -31.49 6.62
N ASP A 69 13.60 -32.16 5.49
CA ASP A 69 12.55 -32.34 4.46
C ASP A 69 11.27 -32.98 4.97
N ALA A 70 11.35 -33.83 5.99
CA ALA A 70 10.17 -34.59 6.46
C ALA A 70 9.25 -33.70 7.32
N GLU A 71 9.82 -32.63 7.85
CA GLU A 71 9.04 -31.63 8.56
C GLU A 71 7.90 -31.13 7.70
N ILE A 72 7.94 -31.37 6.40
CA ILE A 72 6.88 -30.86 5.57
C ILE A 72 5.59 -31.56 5.88
N PHE A 73 5.69 -32.84 6.20
CA PHE A 73 4.51 -33.70 6.42
C PHE A 73 4.10 -33.85 7.91
N GLN A 74 4.91 -33.31 8.79
CA GLN A 74 4.64 -33.28 10.19
C GLN A 74 3.37 -32.48 10.49
N GLU A 75 2.65 -32.93 11.52
CA GLU A 75 1.32 -32.44 11.84
C GLU A 75 1.40 -31.35 12.89
N GLU A 76 0.34 -30.54 13.00
CA GLU A 76 0.26 -29.45 14.01
C GLU A 76 0.16 -29.95 15.47
N GLY A 77 0.97 -29.35 16.36
CA GLY A 77 0.84 -29.55 17.82
C GLY A 77 -0.32 -28.80 18.50
N GLN A 78 -0.37 -28.84 19.84
CA GLN A 78 -1.54 -28.36 20.60
C GLN A 78 -1.37 -27.09 21.46
N SER A 81 -1.42 -20.65 19.88
CA SER A 81 -0.57 -21.74 20.36
C SER A 81 0.53 -22.06 19.31
N THR A 82 0.15 -22.18 18.04
CA THR A 82 1.08 -22.70 17.02
C THR A 82 0.63 -22.62 15.54
N TYR A 83 1.56 -22.82 14.62
CA TYR A 83 1.26 -22.53 13.20
C TYR A 83 0.59 -23.68 12.39
N GLN A 84 -0.50 -23.36 11.70
CA GLN A 84 -1.12 -24.30 10.83
C GLN A 84 -0.08 -24.92 9.86
N ARG A 85 -0.32 -26.16 9.44
CA ARG A 85 0.62 -26.91 8.60
C ARG A 85 -0.15 -27.62 7.49
N LEU A 86 0.54 -28.46 6.76
CA LEU A 86 0.00 -28.95 5.49
C LEU A 86 -1.24 -29.80 5.72
N TYR A 87 -1.18 -30.65 6.75
CA TYR A 87 -2.28 -31.51 7.13
C TYR A 87 -3.33 -30.85 8.03
N SER A 88 -3.18 -29.57 8.41
CA SER A 88 -4.19 -28.89 9.22
C SER A 88 -5.45 -28.71 8.39
N GLU A 89 -6.59 -28.71 9.05
CA GLU A 89 -7.88 -28.70 8.37
C GLU A 89 -8.16 -27.34 7.74
N SER A 90 -7.60 -26.28 8.28
CA SER A 90 -7.74 -24.94 7.64
C SER A 90 -7.00 -24.90 6.30
N ILE A 91 -5.81 -25.47 6.22
CA ILE A 91 -5.10 -25.57 4.93
C ILE A 91 -5.85 -26.49 3.95
N LEU A 92 -6.24 -27.68 4.39
CA LEU A 92 -6.85 -28.62 3.43
C LEU A 92 -8.16 -28.10 2.90
N THR A 93 -8.97 -27.49 3.76
CA THR A 93 -10.23 -26.78 3.39
C THR A 93 -9.99 -25.65 2.44
N THR A 94 -8.83 -24.99 2.53
CA THR A 94 -8.45 -24.01 1.53
C THR A 94 -7.99 -24.67 0.25
N MET A 95 -7.24 -25.75 0.34
CA MET A 95 -6.91 -26.42 -0.90
C MET A 95 -8.20 -26.84 -1.59
N VAL A 96 -9.19 -27.35 -0.86
CA VAL A 96 -10.43 -27.76 -1.53
C VAL A 96 -11.11 -26.63 -2.28
N GLN A 97 -11.37 -25.52 -1.58
CA GLN A 97 -12.02 -24.34 -2.18
C GLN A 97 -11.32 -23.88 -3.47
N VAL A 98 -9.99 -23.92 -3.46
CA VAL A 98 -9.16 -23.55 -4.62
C VAL A 98 -9.31 -24.55 -5.76
N ALA A 99 -9.34 -25.84 -5.45
CA ALA A 99 -9.70 -26.85 -6.49
C ALA A 99 -11.07 -26.48 -7.07
N GLY A 100 -12.01 -26.19 -6.18
CA GLY A 100 -13.35 -25.75 -6.59
C GLY A 100 -13.31 -24.66 -7.64
N LYS A 101 -12.47 -23.64 -7.47
CA LYS A 101 -12.43 -22.49 -8.38
C LYS A 101 -11.65 -22.83 -9.63
N VAL A 102 -10.62 -23.66 -9.50
CA VAL A 102 -9.96 -24.12 -10.68
C VAL A 102 -10.96 -24.89 -11.54
N GLN A 103 -11.83 -25.69 -10.95
CA GLN A 103 -12.80 -26.40 -11.76
C GLN A 103 -13.73 -25.45 -12.53
N GLU A 104 -14.22 -24.38 -11.94
CA GLU A 104 -15.09 -23.41 -12.68
C GLU A 104 -14.45 -23.02 -14.01
N VAL A 105 -13.14 -22.89 -14.00
CA VAL A 105 -12.40 -22.47 -15.18
C VAL A 105 -12.31 -23.66 -16.12
N LEU A 106 -11.95 -24.82 -15.61
CA LEU A 106 -11.91 -26.02 -16.46
C LEU A 106 -13.22 -26.26 -17.26
N LYS A 107 -14.38 -25.96 -16.67
CA LYS A 107 -15.68 -26.18 -17.33
C LYS A 107 -16.04 -25.06 -18.33
N GLU A 108 -15.29 -23.96 -18.32
CA GLU A 108 -15.53 -22.84 -19.25
C GLU A 108 -14.15 -22.39 -19.76
N PRO A 109 -13.54 -23.18 -20.66
CA PRO A 109 -12.21 -22.87 -21.18
C PRO A 109 -12.11 -21.68 -22.11
N ASP A 110 -13.23 -21.15 -22.56
CA ASP A 110 -13.16 -20.01 -23.46
C ASP A 110 -13.07 -18.71 -22.67
N GLY A 111 -11.88 -18.10 -22.72
CA GLY A 111 -11.58 -16.90 -21.95
C GLY A 111 -10.99 -17.19 -20.58
N GLY A 112 -10.48 -18.40 -20.40
CA GLY A 112 -10.10 -18.90 -19.11
C GLY A 112 -8.62 -19.16 -19.15
N LEU A 113 -7.93 -18.91 -18.03
CA LEU A 113 -6.47 -19.09 -17.98
C LEU A 113 -6.06 -19.36 -16.54
N VAL A 114 -5.03 -20.17 -16.36
CA VAL A 114 -4.49 -20.42 -15.05
C VAL A 114 -3.03 -20.07 -15.10
N VAL A 115 -2.63 -19.02 -14.37
CA VAL A 115 -1.20 -18.60 -14.35
C VAL A 115 -0.49 -19.01 -13.06
N LEU A 116 0.68 -19.61 -13.19
CA LEU A 116 1.51 -19.93 -12.03
C LEU A 116 2.80 -19.10 -12.08
N SER A 117 2.98 -18.20 -11.11
CA SER A 117 4.04 -17.19 -11.16
C SER A 117 4.87 -17.10 -9.89
N GLY A 118 6.17 -17.01 -10.04
CA GLY A 118 7.13 -16.96 -8.96
C GLY A 118 8.43 -16.43 -9.53
N GLY A 119 9.38 -16.10 -8.66
CA GLY A 119 10.74 -15.78 -9.06
C GLY A 119 11.70 -16.84 -8.56
N GLY A 120 12.87 -16.94 -9.18
CA GLY A 120 13.85 -17.93 -8.78
C GLY A 120 13.24 -19.32 -8.86
N THR A 121 13.54 -20.14 -7.85
CA THR A 121 12.96 -21.47 -7.80
C THR A 121 11.48 -21.52 -7.78
N SER A 122 10.81 -20.52 -7.25
CA SER A 122 9.34 -20.61 -7.34
C SER A 122 8.93 -20.47 -8.76
N GLY A 123 9.72 -19.75 -9.53
CA GLY A 123 9.47 -19.61 -10.96
C GLY A 123 9.75 -20.92 -11.70
N ARG A 124 10.89 -21.52 -11.44
CA ARG A 124 11.20 -22.83 -11.98
C ARG A 124 10.06 -23.88 -11.72
N MET A 125 9.65 -24.03 -10.46
CA MET A 125 8.55 -24.92 -10.09
C MET A 125 7.30 -24.62 -10.89
N ALA A 126 7.00 -23.34 -11.05
CA ALA A 126 5.79 -22.96 -11.77
C ALA A 126 5.81 -23.46 -13.21
N PHE A 127 6.99 -23.47 -13.80
CA PHE A 127 7.17 -23.80 -15.20
C PHE A 127 6.91 -25.30 -15.41
N LEU A 128 7.61 -26.15 -14.62
CA LEU A 128 7.39 -27.61 -14.63
C LEU A 128 5.91 -27.94 -14.56
N MET A 129 5.29 -27.47 -13.50
CA MET A 129 3.88 -27.74 -13.30
C MET A 129 2.98 -27.24 -14.42
N SER A 130 3.31 -26.10 -15.06
CA SER A 130 2.46 -25.61 -16.14
C SER A 130 2.55 -26.56 -17.36
N VAL A 131 3.73 -27.15 -17.57
CA VAL A 131 3.92 -28.05 -18.69
C VAL A 131 3.10 -29.31 -18.47
N SER A 132 3.41 -30.00 -17.37
CA SER A 132 2.65 -31.16 -16.96
C SER A 132 1.17 -30.99 -17.10
N PHE A 133 0.57 -29.96 -16.52
CA PHE A 133 -0.89 -29.85 -16.58
C PHE A 133 -1.39 -29.50 -17.97
N ASN A 134 -0.52 -28.85 -18.74
CA ASN A 134 -0.78 -28.65 -20.17
C ASN A 134 -0.71 -29.99 -20.93
N GLN A 135 0.32 -30.81 -20.66
CA GLN A 135 0.34 -32.18 -21.20
C GLN A 135 -1.02 -32.90 -20.90
N LEU A 136 -1.30 -33.10 -19.63
CA LEU A 136 -2.58 -33.66 -19.22
C LEU A 136 -3.76 -33.20 -20.06
N MET A 137 -3.95 -31.91 -20.22
CA MET A 137 -5.12 -31.46 -20.98
C MET A 137 -5.05 -31.75 -22.50
N LYS A 138 -3.82 -31.84 -23.06
CA LYS A 138 -3.65 -32.21 -24.46
C LYS A 138 -4.12 -33.64 -24.63
N GLY A 139 -3.54 -34.54 -23.81
CA GLY A 139 -3.94 -35.94 -23.71
C GLY A 139 -5.44 -36.19 -23.69
N LEU A 140 -6.20 -35.34 -23.02
CA LEU A 140 -7.66 -35.41 -23.09
C LEU A 140 -8.30 -34.75 -24.33
N GLY A 141 -7.49 -34.19 -25.22
CA GLY A 141 -8.00 -33.43 -26.35
C GLY A 141 -8.59 -32.08 -26.00
N GLN A 142 -8.17 -31.48 -24.88
CA GLN A 142 -8.61 -30.10 -24.54
C GLN A 142 -7.46 -29.10 -24.78
N LYS A 143 -7.82 -27.84 -25.00
CA LYS A 143 -6.77 -26.85 -25.28
C LYS A 143 -6.07 -26.51 -23.96
N PRO A 144 -4.73 -26.31 -24.01
CA PRO A 144 -3.99 -26.05 -22.76
C PRO A 144 -4.34 -24.70 -22.10
N LEU A 145 -4.54 -24.70 -20.78
CA LEU A 145 -4.97 -23.48 -20.06
C LEU A 145 -3.92 -22.92 -19.11
N TYR A 146 -2.81 -23.62 -18.99
CA TYR A 146 -1.80 -23.24 -18.06
C TYR A 146 -0.75 -22.42 -18.75
N THR A 147 -0.24 -21.44 -18.02
CA THR A 147 1.00 -20.84 -18.36
C THR A 147 1.74 -20.45 -17.08
N TYR A 148 3.02 -20.16 -17.22
CA TYR A 148 3.83 -19.75 -16.10
C TYR A 148 4.28 -18.31 -16.32
N LEU A 149 4.90 -17.72 -15.31
CA LEU A 149 5.55 -16.41 -15.39
C LEU A 149 6.71 -16.51 -14.44
N ILE A 150 7.90 -16.17 -14.89
CA ILE A 150 9.06 -16.16 -14.04
C ILE A 150 9.78 -14.78 -14.08
N ALA A 151 10.05 -14.23 -12.90
CA ALA A 151 10.81 -13.00 -12.81
C ALA A 151 12.02 -13.05 -13.75
N GLY A 152 12.02 -12.14 -14.72
CA GLY A 152 13.14 -11.91 -15.66
C GLY A 152 12.91 -12.51 -17.03
N GLY A 153 11.64 -12.72 -17.39
CA GLY A 153 11.28 -13.65 -18.46
C GLY A 153 11.91 -15.07 -18.46
N ASP A 154 11.49 -15.80 -19.49
CA ASP A 154 11.55 -17.27 -19.60
C ASP A 154 12.98 -17.76 -19.60
N ARG A 155 13.88 -16.92 -20.07
CA ARG A 155 15.31 -17.13 -19.85
C ARG A 155 15.66 -17.47 -18.41
N SER A 156 14.96 -16.85 -17.44
CA SER A 156 15.27 -17.04 -15.99
C SER A 156 15.12 -18.51 -15.53
N VAL A 157 14.21 -19.26 -16.17
CA VAL A 157 13.99 -20.70 -15.86
C VAL A 157 15.27 -21.54 -15.73
N VAL A 158 16.30 -21.27 -16.52
CA VAL A 158 17.53 -22.07 -16.42
C VAL A 158 18.77 -21.24 -16.13
N ALA A 159 18.53 -20.02 -15.67
CA ALA A 159 19.60 -19.09 -15.39
C ALA A 159 19.64 -18.69 -13.91
N SER A 160 20.85 -18.44 -13.37
CA SER A 160 20.99 -17.74 -12.08
C SER A 160 20.79 -16.26 -12.29
N ARG A 161 19.65 -15.71 -11.87
CA ARG A 161 19.37 -14.30 -12.08
C ARG A 161 18.58 -13.67 -10.90
N GLU A 162 19.20 -13.72 -9.71
CA GLU A 162 18.51 -13.38 -8.43
C GLU A 162 17.97 -11.93 -8.34
N GLY A 163 18.55 -11.01 -9.12
CA GLY A 163 18.17 -9.60 -9.13
C GLY A 163 16.82 -9.21 -9.66
N THR A 164 16.19 -10.12 -10.38
CA THR A 164 14.96 -9.75 -11.11
C THR A 164 13.64 -9.74 -10.29
N GLU A 165 13.64 -10.33 -9.10
CA GLU A 165 12.40 -10.43 -8.28
C GLU A 165 11.91 -9.15 -7.58
N ASP A 166 12.72 -8.08 -7.67
CA ASP A 166 12.55 -6.84 -6.85
C ASP A 166 11.58 -5.80 -7.44
N SER A 167 11.09 -5.99 -8.66
CA SER A 167 10.11 -5.04 -9.21
C SER A 167 8.69 -5.55 -9.26
N ALA A 168 7.81 -4.88 -8.52
CA ALA A 168 6.39 -5.04 -8.64
C ALA A 168 5.80 -4.69 -10.01
N LEU A 169 6.24 -3.60 -10.64
CA LEU A 169 5.65 -3.19 -11.92
C LEU A 169 5.95 -4.25 -12.97
N HIS A 170 7.13 -4.82 -12.91
CA HIS A 170 7.51 -5.83 -13.85
C HIS A 170 6.63 -7.10 -13.77
N GLY A 171 6.17 -7.42 -12.56
CA GLY A 171 5.29 -8.53 -12.34
C GLY A 171 3.93 -8.23 -12.91
N ILE A 172 3.47 -7.00 -12.72
CA ILE A 172 2.18 -6.57 -13.19
C ILE A 172 2.15 -6.48 -14.72
N GLU A 173 3.28 -6.12 -15.35
CA GLU A 173 3.37 -6.02 -16.83
C GLU A 173 3.22 -7.41 -17.42
N GLU A 174 4.15 -8.29 -17.03
CA GLU A 174 4.13 -9.70 -17.40
C GLU A 174 2.75 -10.34 -17.24
N LEU A 175 2.04 -10.01 -16.16
CA LEU A 175 0.75 -10.58 -15.94
C LEU A 175 -0.28 -9.95 -16.90
N LYS A 176 -0.08 -8.67 -17.22
CA LYS A 176 -0.95 -7.98 -18.18
C LYS A 176 -0.72 -8.45 -19.61
N LYS A 177 0.48 -8.85 -19.97
CA LYS A 177 0.75 -9.38 -21.31
C LYS A 177 -0.06 -10.66 -21.50
N VAL A 178 0.23 -11.61 -20.63
CA VAL A 178 -0.33 -12.95 -20.69
C VAL A 178 -1.85 -12.97 -20.41
N ALA A 179 -2.40 -12.05 -19.65
CA ALA A 179 -3.86 -12.08 -19.47
C ALA A 179 -4.60 -11.31 -20.55
N ALA A 180 -3.90 -11.18 -21.69
CA ALA A 180 -4.45 -10.88 -23.05
C ALA A 180 -5.85 -10.25 -23.10
N GLY A 181 -6.79 -10.91 -23.74
CA GLY A 181 -8.20 -10.58 -23.65
C GLY A 181 -8.89 -11.85 -23.18
N LYS A 182 -8.53 -12.28 -21.97
CA LYS A 182 -9.12 -13.44 -21.30
C LYS A 182 -10.17 -12.88 -20.39
N LYS A 183 -11.10 -13.71 -19.94
CA LYS A 183 -12.25 -13.23 -19.15
C LYS A 183 -12.33 -13.74 -17.70
N ARG A 184 -11.63 -14.83 -17.41
CA ARG A 184 -11.58 -15.45 -16.09
C ARG A 184 -10.17 -15.98 -15.92
N VAL A 185 -9.44 -15.45 -14.94
CA VAL A 185 -8.02 -15.77 -14.79
C VAL A 185 -7.65 -16.13 -13.33
N ILE A 186 -6.99 -17.26 -13.17
CA ILE A 186 -6.54 -17.65 -11.86
C ILE A 186 -5.06 -17.41 -11.85
N VAL A 187 -4.64 -16.58 -10.89
CA VAL A 187 -3.19 -16.33 -10.69
C VAL A 187 -2.70 -16.88 -9.38
N ILE A 188 -1.78 -17.82 -9.50
CA ILE A 188 -1.20 -18.50 -8.37
C ILE A 188 0.22 -17.99 -8.24
N GLY A 189 0.39 -17.07 -7.30
CA GLY A 189 1.65 -16.43 -7.07
C GLY A 189 2.40 -17.18 -6.02
N ILE A 190 3.60 -17.60 -6.28
CA ILE A 190 4.29 -18.44 -5.39
C ILE A 190 5.48 -17.65 -4.87
N SER A 191 5.52 -17.40 -3.57
CA SER A 191 6.73 -16.87 -2.92
C SER A 191 6.91 -17.59 -1.58
N VAL A 192 7.92 -18.38 -1.49
CA VAL A 192 8.07 -19.17 -0.34
C VAL A 192 8.08 -18.36 0.94
N GLY A 193 8.83 -17.27 0.91
CA GLY A 193 8.98 -16.41 2.04
C GLY A 193 7.93 -15.35 2.12
N LEU A 194 6.97 -15.35 1.20
CA LEU A 194 5.91 -14.29 1.13
C LEU A 194 6.69 -12.93 1.09
N SER A 195 7.49 -12.83 0.05
CA SER A 195 8.63 -12.02 0.06
C SER A 195 8.84 -11.25 -1.25
N ALA A 196 8.57 -11.87 -2.42
CA ALA A 196 9.03 -11.29 -3.68
C ALA A 196 8.10 -10.20 -4.20
N PRO A 197 8.64 -9.00 -4.49
CA PRO A 197 7.79 -7.90 -5.00
C PRO A 197 7.11 -8.19 -6.35
N PHE A 198 7.78 -8.95 -7.18
CA PHE A 198 7.18 -9.52 -8.41
C PHE A 198 5.83 -10.09 -8.11
N VAL A 199 5.76 -10.99 -7.15
CA VAL A 199 4.48 -11.59 -6.81
C VAL A 199 3.57 -10.60 -6.18
N ALA A 200 4.06 -9.90 -5.17
CA ALA A 200 3.19 -8.92 -4.49
C ALA A 200 2.37 -8.02 -5.48
N GLY A 201 3.05 -7.51 -6.50
CA GLY A 201 2.35 -6.66 -7.47
C GLY A 201 1.24 -7.37 -8.25
N GLN A 202 1.51 -8.60 -8.76
CA GLN A 202 0.45 -9.44 -9.38
C GLN A 202 -0.79 -9.62 -8.52
N MET A 203 -0.58 -9.96 -7.24
CA MET A 203 -1.70 -10.24 -6.35
C MET A 203 -2.55 -9.00 -6.16
N ASP A 204 -1.89 -7.87 -5.97
CA ASP A 204 -2.57 -6.59 -5.68
C ASP A 204 -3.37 -6.15 -6.89
N CYS A 205 -2.73 -6.22 -8.06
CA CYS A 205 -3.44 -6.06 -9.35
C CYS A 205 -4.71 -6.98 -9.53
N CYS A 206 -4.59 -8.27 -9.25
CA CYS A 206 -5.76 -9.16 -9.33
C CYS A 206 -6.86 -8.64 -8.43
N MET A 207 -6.51 -8.23 -7.22
CA MET A 207 -7.54 -7.72 -6.31
C MET A 207 -8.22 -6.42 -6.75
N ASN A 208 -7.55 -5.61 -7.58
CA ASN A 208 -8.15 -4.42 -8.18
C ASN A 208 -9.06 -4.76 -9.38
N ASN A 209 -9.21 -6.03 -9.75
CA ASN A 209 -10.15 -6.44 -10.81
C ASN A 209 -10.54 -7.93 -10.70
N THR A 210 -11.42 -8.18 -9.74
CA THR A 210 -11.84 -9.52 -9.35
C THR A 210 -12.95 -10.04 -10.25
N ALA A 211 -13.50 -9.17 -11.09
CA ALA A 211 -14.36 -9.60 -12.21
C ALA A 211 -13.56 -10.54 -13.12
N VAL A 212 -12.34 -10.16 -13.46
CA VAL A 212 -11.51 -11.03 -14.28
C VAL A 212 -10.64 -11.94 -13.42
N PHE A 213 -9.93 -11.40 -12.42
CA PHE A 213 -8.88 -12.16 -11.71
C PHE A 213 -9.25 -12.83 -10.37
N LEU A 214 -8.72 -14.03 -10.15
CA LEU A 214 -8.70 -14.67 -8.81
C LEU A 214 -7.25 -14.97 -8.36
N PRO A 215 -6.76 -14.23 -7.34
CA PRO A 215 -5.42 -14.46 -6.86
C PRO A 215 -5.35 -15.55 -5.79
N VAL A 216 -4.39 -16.43 -5.92
CA VAL A 216 -4.12 -17.39 -4.95
C VAL A 216 -2.66 -17.29 -4.59
N LEU A 217 -2.40 -17.04 -3.31
CA LEU A 217 -1.04 -16.79 -2.86
C LEU A 217 -0.54 -18.00 -2.13
N VAL A 218 0.62 -18.49 -2.54
CA VAL A 218 1.18 -19.66 -1.98
C VAL A 218 2.57 -19.37 -1.46
N GLY A 219 2.84 -19.78 -0.24
CA GLY A 219 4.09 -19.52 0.46
C GLY A 219 4.11 -20.29 1.79
N PHE A 220 5.12 -20.09 2.62
CA PHE A 220 5.20 -20.95 3.76
C PHE A 220 5.59 -20.20 5.01
N ASN A 221 5.15 -18.95 5.06
CA ASN A 221 5.20 -18.20 6.30
C ASN A 221 3.79 -17.81 6.73
N PRO A 222 3.55 -17.71 8.02
CA PRO A 222 2.36 -16.95 8.44
C PRO A 222 2.42 -15.53 7.87
N VAL A 223 1.28 -14.99 7.56
CA VAL A 223 1.18 -13.68 6.92
C VAL A 223 1.78 -12.58 7.81
N SER A 224 1.67 -12.78 9.12
CA SER A 224 2.24 -11.87 10.08
C SER A 224 3.74 -11.88 10.04
N MET A 225 4.35 -12.77 9.26
CA MET A 225 5.81 -12.67 9.05
C MET A 225 6.17 -12.33 7.60
N ALA A 226 5.17 -12.14 6.76
CA ALA A 226 5.40 -11.65 5.43
C ALA A 226 6.26 -10.42 5.49
N ARG A 227 7.08 -10.20 4.46
CA ARG A 227 7.83 -8.94 4.34
C ARG A 227 6.99 -7.67 4.48
N ASN A 228 7.50 -6.73 5.29
CA ASN A 228 6.87 -5.45 5.54
C ASN A 228 7.79 -4.26 5.30
N ASP A 229 8.84 -4.41 4.49
CA ASP A 229 9.73 -3.34 4.16
C ASP A 229 9.24 -2.80 2.83
N PRO A 230 9.51 -1.51 2.52
CA PRO A 230 8.97 -0.89 1.31
C PRO A 230 9.49 -1.50 0.04
N ILE A 231 8.60 -1.62 -0.91
CA ILE A 231 8.90 -2.02 -2.24
C ILE A 231 9.18 -0.74 -3.01
N GLU A 232 10.31 -0.70 -3.66
CA GLU A 232 10.79 0.45 -4.39
C GLU A 232 9.77 1.11 -5.37
N ASP A 233 9.14 0.32 -6.24
CA ASP A 233 8.18 0.85 -7.24
C ASP A 233 6.69 0.73 -6.83
N TRP A 234 6.40 0.52 -5.56
CA TRP A 234 5.04 0.17 -5.13
C TRP A 234 4.78 0.78 -3.73
N SER A 235 3.51 0.95 -3.36
CA SER A 235 3.16 1.65 -2.14
C SER A 235 2.82 0.76 -0.93
N SER A 236 2.38 -0.47 -1.18
CA SER A 236 2.02 -1.40 -0.12
C SER A 236 3.15 -2.35 0.03
N THR A 237 3.18 -3.02 1.15
CA THR A 237 4.18 -4.04 1.39
C THR A 237 3.54 -5.38 1.11
N PHE A 238 4.36 -6.43 1.13
CA PHE A 238 3.87 -7.76 0.85
C PHE A 238 2.88 -8.12 1.92
N ARG A 239 3.25 -7.79 3.14
CA ARG A 239 2.36 -8.07 4.29
C ARG A 239 0.98 -7.50 4.15
N GLN A 240 0.86 -6.31 3.58
CA GLN A 240 -0.44 -5.66 3.48
C GLN A 240 -1.26 -6.29 2.39
N VAL A 241 -0.61 -6.60 1.30
CA VAL A 241 -1.27 -7.25 0.21
C VAL A 241 -1.81 -8.59 0.70
N ALA A 242 -0.96 -9.39 1.33
CA ALA A 242 -1.42 -10.64 1.85
C ALA A 242 -2.53 -10.47 2.90
N GLU A 243 -2.44 -9.46 3.78
CA GLU A 243 -3.51 -9.28 4.79
C GLU A 243 -4.85 -8.95 4.09
N ARG A 244 -4.79 -8.21 3.00
CA ARG A 244 -5.98 -7.90 2.26
C ARG A 244 -6.57 -9.10 1.50
N MET A 245 -5.71 -9.97 0.95
CA MET A 245 -6.18 -11.21 0.33
C MET A 245 -6.93 -12.09 1.35
N GLN A 246 -6.38 -12.16 2.54
CA GLN A 246 -6.91 -13.00 3.59
C GLN A 246 -8.30 -12.55 4.01
N LYS A 247 -8.54 -11.25 4.07
CA LYS A 247 -9.89 -10.73 4.25
C LYS A 247 -10.86 -11.12 3.14
N MET A 248 -10.39 -11.14 1.90
CA MET A 248 -11.20 -11.47 0.74
C MET A 248 -11.56 -12.94 0.64
N GLN A 249 -10.79 -13.79 1.30
CA GLN A 249 -10.99 -15.20 1.32
C GLN A 249 -12.33 -15.56 1.98
N GLU A 250 -12.75 -14.79 2.98
CA GLU A 250 -14.10 -14.92 3.57
C GLU A 250 -15.27 -14.85 2.59
N LYS A 251 -15.11 -14.18 1.46
CA LYS A 251 -16.12 -14.21 0.42
C LYS A 251 -15.59 -14.94 -0.79
N GLN A 252 -14.49 -15.67 -0.64
CA GLN A 252 -14.00 -16.58 -1.68
C GLN A 252 -13.57 -15.88 -2.95
N LYS A 253 -13.02 -14.70 -2.80
CA LYS A 253 -12.45 -13.97 -3.96
C LYS A 253 -10.92 -13.89 -3.97
N ALA A 254 -10.27 -14.50 -2.99
CA ALA A 254 -8.81 -14.58 -2.95
C ALA A 254 -8.49 -15.65 -1.96
N PHE A 255 -7.31 -16.25 -2.09
CA PHE A 255 -6.94 -17.30 -1.17
C PHE A 255 -5.49 -17.15 -0.75
N VAL A 256 -5.22 -17.40 0.51
CA VAL A 256 -3.86 -17.48 0.96
C VAL A 256 -3.65 -18.90 1.43
N LEU A 257 -2.62 -19.54 0.91
CA LEU A 257 -2.34 -20.95 1.13
C LEU A 257 -0.96 -21.10 1.66
N ASN A 258 -0.83 -20.99 2.97
CA ASN A 258 0.48 -20.82 3.55
C ASN A 258 0.77 -21.69 4.78
N PRO A 259 1.03 -22.97 4.56
CA PRO A 259 1.27 -23.76 5.74
C PRO A 259 2.72 -23.65 6.18
N ALA A 260 2.99 -23.71 7.46
CA ALA A 260 4.37 -23.80 7.93
C ALA A 260 4.93 -25.19 7.61
N ILE A 261 6.19 -25.24 7.20
CA ILE A 261 6.84 -26.51 6.93
C ILE A 261 8.16 -26.61 7.67
N GLY A 262 8.40 -25.64 8.56
CA GLY A 262 9.62 -25.53 9.40
C GLY A 262 10.82 -25.00 8.63
N PRO A 263 11.86 -24.54 9.32
CA PRO A 263 13.02 -23.96 8.67
C PRO A 263 13.80 -24.88 7.73
N GLU A 264 14.57 -24.25 6.84
CA GLU A 264 15.39 -24.96 5.90
C GLU A 264 16.62 -25.52 6.59
N GLY A 265 17.06 -26.72 6.18
CA GLY A 265 18.35 -27.25 6.61
C GLY A 265 19.53 -26.29 6.52
N LEU A 266 19.62 -25.61 5.40
CA LEU A 266 20.57 -24.49 5.26
C LEU A 266 19.76 -23.23 5.31
N SER A 267 19.93 -22.37 6.33
CA SER A 267 19.01 -21.25 6.59
C SER A 267 18.76 -20.35 5.39
N GLY A 268 17.47 -20.13 5.08
CA GLY A 268 17.08 -19.25 3.99
C GLY A 268 17.20 -19.88 2.62
N SER A 269 17.63 -21.12 2.56
CA SER A 269 17.76 -21.76 1.29
C SER A 269 16.41 -22.33 0.84
N SER A 270 15.53 -21.47 0.35
CA SER A 270 14.17 -21.91 0.09
C SER A 270 14.01 -22.75 -1.21
N ARG A 271 15.11 -23.01 -1.92
CA ARG A 271 15.07 -23.88 -3.09
C ARG A 271 14.82 -25.34 -2.66
N MET A 272 15.11 -25.68 -1.40
CA MET A 272 14.99 -27.04 -0.90
C MET A 272 13.57 -27.36 -0.46
N LYS A 273 13.33 -27.37 0.85
CA LYS A 273 12.00 -27.65 1.33
C LYS A 273 10.92 -26.83 0.67
N GLY A 274 11.18 -25.54 0.48
CA GLY A 274 10.21 -24.69 -0.13
C GLY A 274 9.84 -25.00 -1.56
N GLY A 275 10.85 -25.33 -2.36
CA GLY A 275 10.53 -25.80 -3.71
C GLY A 275 9.76 -27.13 -3.70
N SER A 276 10.22 -28.06 -2.89
CA SER A 276 9.50 -29.34 -2.70
C SER A 276 8.02 -29.16 -2.28
N ALA A 277 7.80 -28.44 -1.18
CA ALA A 277 6.44 -28.19 -0.74
C ALA A 277 5.58 -27.49 -1.76
N THR A 278 6.19 -26.63 -2.58
CA THR A 278 5.44 -25.95 -3.59
C THR A 278 4.88 -27.02 -4.55
N LYS A 279 5.69 -27.94 -5.04
CA LYS A 279 5.17 -28.99 -5.96
C LYS A 279 4.10 -29.82 -5.24
N ILE A 280 4.44 -30.30 -4.04
CA ILE A 280 3.57 -31.17 -3.31
C ILE A 280 2.23 -30.47 -3.19
N LEU A 281 2.26 -29.21 -2.78
CA LEU A 281 1.03 -28.52 -2.53
C LEU A 281 0.27 -28.30 -3.81
N LEU A 282 0.94 -27.87 -4.87
CA LEU A 282 0.16 -27.49 -6.05
C LEU A 282 -0.21 -28.67 -6.99
N GLU A 283 0.69 -29.62 -7.14
CA GLU A 283 0.38 -30.82 -7.90
C GLU A 283 -0.83 -31.50 -7.30
N THR A 284 -0.72 -31.87 -6.02
CA THR A 284 -1.86 -32.34 -5.27
C THR A 284 -3.14 -31.64 -5.67
N LEU A 285 -3.13 -30.34 -5.61
CA LEU A 285 -4.40 -29.62 -5.66
C LEU A 285 -4.93 -29.60 -7.09
N LEU A 286 -4.04 -29.42 -8.05
CA LEU A 286 -4.51 -29.32 -9.43
C LEU A 286 -4.97 -30.71 -9.96
N LEU A 287 -4.15 -31.73 -9.71
CA LEU A 287 -4.54 -33.11 -10.04
C LEU A 287 -5.93 -33.39 -9.47
N ALA A 288 -6.09 -33.17 -8.17
CA ALA A 288 -7.38 -33.36 -7.57
C ALA A 288 -8.46 -32.71 -8.37
N ALA A 289 -8.19 -31.51 -8.88
CA ALA A 289 -9.23 -30.74 -9.57
C ALA A 289 -9.60 -31.35 -10.93
N HIS A 290 -8.59 -31.85 -11.64
CA HIS A 290 -8.79 -32.46 -12.93
C HIS A 290 -9.50 -33.81 -12.74
N LYS A 291 -8.92 -34.66 -11.90
CA LYS A 291 -9.50 -35.95 -11.65
C LYS A 291 -10.97 -35.84 -11.32
N THR A 292 -11.33 -34.96 -10.42
CA THR A 292 -12.72 -34.83 -10.01
C THR A 292 -13.63 -34.07 -10.99
N VAL A 293 -13.13 -33.30 -11.96
CA VAL A 293 -14.08 -32.76 -12.99
C VAL A 293 -14.59 -33.86 -13.90
N ASP A 294 -13.69 -34.77 -14.23
CA ASP A 294 -13.99 -35.90 -15.10
C ASP A 294 -15.15 -36.63 -14.49
N GLN A 295 -15.05 -36.95 -13.19
CA GLN A 295 -16.07 -37.72 -12.50
C GLN A 295 -17.33 -36.94 -12.16
N GLY A 296 -17.40 -35.64 -12.47
CA GLY A 296 -18.58 -34.82 -12.14
C GLY A 296 -18.88 -34.81 -10.64
N ILE A 297 -17.80 -34.75 -9.86
CA ILE A 297 -17.83 -34.80 -8.40
C ILE A 297 -16.98 -33.63 -7.92
N ALA A 298 -17.42 -32.90 -6.89
CA ALA A 298 -16.57 -31.84 -6.30
C ALA A 298 -15.28 -32.44 -5.68
N ALA A 299 -14.20 -31.67 -5.66
CA ALA A 299 -13.01 -32.12 -4.95
C ALA A 299 -13.28 -32.09 -3.45
N SER A 300 -12.56 -32.95 -2.75
CA SER A 300 -12.75 -33.13 -1.34
C SER A 300 -11.41 -33.44 -0.67
N GLN A 301 -11.43 -33.31 0.65
CA GLN A 301 -10.24 -33.46 1.47
C GLN A 301 -9.66 -34.81 1.28
N ARG A 302 -10.55 -35.78 1.05
CA ARG A 302 -10.15 -37.15 0.90
C ARG A 302 -9.43 -37.35 -0.42
N CYS A 303 -9.88 -36.76 -1.51
CA CYS A 303 -9.04 -36.85 -2.74
C CYS A 303 -7.62 -36.26 -2.58
N LEU A 304 -7.52 -35.12 -1.89
CA LEU A 304 -6.23 -34.44 -1.66
C LEU A 304 -5.34 -35.34 -0.82
N LEU A 305 -5.89 -35.88 0.26
CA LEU A 305 -5.11 -36.76 1.14
C LEU A 305 -4.44 -37.97 0.49
N GLU A 306 -5.13 -38.62 -0.44
CA GLU A 306 -4.56 -39.77 -1.12
C GLU A 306 -3.24 -39.39 -1.75
N ILE A 307 -3.31 -38.33 -2.57
CA ILE A 307 -2.13 -37.73 -3.23
C ILE A 307 -1.09 -37.22 -2.23
N LEU A 308 -1.55 -36.54 -1.18
CA LEU A 308 -0.59 -36.09 -0.18
C LEU A 308 0.19 -37.23 0.44
N ARG A 309 -0.49 -38.31 0.84
CA ARG A 309 0.19 -39.50 1.45
C ARG A 309 1.13 -40.20 0.45
N THR A 310 0.74 -40.18 -0.82
CA THR A 310 1.62 -40.73 -1.83
C THR A 310 2.91 -39.91 -1.79
N PHE A 311 2.80 -38.57 -1.82
CA PHE A 311 4.03 -37.73 -1.78
C PHE A 311 4.82 -37.97 -0.54
N GLU A 312 4.14 -38.29 0.54
CA GLU A 312 4.85 -38.56 1.81
C GLU A 312 5.54 -39.96 1.84
N ARG A 313 4.91 -40.94 1.19
CA ARG A 313 5.57 -42.25 0.92
C ARG A 313 6.83 -42.02 0.12
N ALA A 314 6.67 -41.17 -0.92
CA ALA A 314 7.83 -40.81 -1.77
C ALA A 314 9.08 -40.35 -1.02
N HIS A 315 8.91 -39.63 0.08
CA HIS A 315 10.07 -39.22 0.83
C HIS A 315 10.68 -40.41 1.50
N GLN A 316 9.84 -41.27 2.06
CA GLN A 316 10.31 -42.45 2.77
C GLN A 316 11.09 -43.38 1.81
N VAL A 317 10.47 -43.62 0.68
CA VAL A 317 11.03 -44.44 -0.39
C VAL A 317 12.38 -43.92 -0.83
N THR A 318 12.49 -42.59 -0.90
CA THR A 318 13.70 -41.92 -1.37
C THR A 318 14.85 -41.95 -0.39
N TYR A 319 14.61 -41.59 0.86
CA TYR A 319 15.72 -41.56 1.80
C TYR A 319 16.03 -42.95 2.40
N SER A 320 15.23 -43.97 2.11
CA SER A 320 15.62 -45.36 2.42
C SER A 320 16.91 -45.78 1.67
N GLN A 321 17.12 -45.19 0.49
CA GLN A 321 18.40 -45.23 -0.23
C GLN A 321 19.52 -44.29 0.30
N SER A 322 19.54 -43.97 1.59
CA SER A 322 20.49 -42.95 2.09
C SER A 322 21.99 -43.21 1.87
N PRO A 323 22.50 -44.40 2.26
CA PRO A 323 23.96 -44.70 2.14
C PRO A 323 24.57 -44.48 0.75
N LYS A 324 23.79 -44.79 -0.29
CA LYS A 324 24.21 -44.54 -1.67
C LYS A 324 24.17 -43.03 -1.97
N ILE A 325 23.24 -42.30 -1.34
CA ILE A 325 23.19 -40.84 -1.47
C ILE A 325 24.41 -40.22 -0.82
N ALA A 326 24.72 -40.66 0.40
CA ALA A 326 25.98 -40.24 1.04
C ALA A 326 27.24 -40.46 0.15
N THR A 327 27.33 -41.61 -0.54
CA THR A 327 28.48 -41.90 -1.42
C THR A 327 28.50 -41.02 -2.69
N LEU A 328 27.35 -40.82 -3.34
CA LEU A 328 27.33 -39.87 -4.45
C LEU A 328 27.77 -38.55 -3.89
N MET A 329 27.35 -38.22 -2.67
CA MET A 329 27.80 -36.97 -2.08
C MET A 329 29.33 -36.91 -2.09
N LYS A 330 30.00 -37.89 -1.50
CA LYS A 330 31.47 -37.82 -1.37
C LYS A 330 32.18 -37.67 -2.73
N SER A 331 31.81 -38.48 -3.71
CA SER A 331 32.41 -38.37 -5.06
C SER A 331 32.26 -36.96 -5.65
N VAL A 332 31.15 -36.31 -5.31
CA VAL A 332 30.86 -34.96 -5.79
C VAL A 332 31.71 -33.94 -5.06
N SER A 333 31.83 -34.10 -3.75
CA SER A 333 32.65 -33.23 -2.95
C SER A 333 34.14 -33.38 -3.26
N THR A 334 34.57 -34.63 -3.44
CA THR A 334 36.00 -34.97 -3.67
C THR A 334 36.45 -34.22 -4.90
N SER A 335 35.74 -34.48 -5.98
CA SER A 335 35.92 -33.85 -7.27
C SER A 335 36.07 -32.31 -7.22
N LEU A 336 35.30 -31.65 -6.37
CA LEU A 336 35.31 -30.19 -6.34
C LEU A 336 36.38 -29.64 -5.43
N GLU A 337 36.83 -30.45 -4.47
CA GLU A 337 38.02 -30.11 -3.66
C GLU A 337 39.31 -30.04 -4.52
N LYS A 338 39.31 -30.71 -5.67
CA LYS A 338 40.47 -30.77 -6.53
C LYS A 338 40.32 -29.85 -7.72
N LYS A 339 39.39 -28.90 -7.64
CA LYS A 339 39.10 -28.02 -8.78
C LYS A 339 38.57 -28.83 -9.98
N GLY A 340 37.95 -29.97 -9.70
CA GLY A 340 37.25 -30.75 -10.70
C GLY A 340 35.89 -30.18 -11.05
N HIS A 341 35.17 -30.89 -11.93
CA HIS A 341 33.85 -30.50 -12.34
C HIS A 341 32.90 -31.69 -12.21
N VAL A 342 31.59 -31.44 -12.33
CA VAL A 342 30.53 -32.39 -12.03
C VAL A 342 29.35 -32.20 -12.98
N TYR A 343 28.90 -33.32 -13.52
CA TYR A 343 27.97 -33.27 -14.63
C TYR A 343 26.76 -34.14 -14.29
N LEU A 344 25.60 -33.66 -14.70
CA LEU A 344 24.34 -34.19 -14.27
C LEU A 344 23.56 -34.36 -15.53
N VAL A 345 23.25 -35.61 -15.85
CA VAL A 345 22.78 -35.92 -17.18
C VAL A 345 21.53 -36.76 -17.07
N GLY A 346 20.48 -36.36 -17.76
CA GLY A 346 19.21 -37.03 -17.58
C GLY A 346 18.26 -36.65 -18.69
N TRP A 347 17.15 -37.39 -18.76
CA TRP A 347 16.27 -37.32 -19.91
C TRP A 347 14.93 -36.77 -19.51
N GLN A 348 14.22 -36.17 -20.46
CA GLN A 348 12.98 -35.48 -20.23
C GLN A 348 13.04 -34.66 -18.94
N THR A 349 11.96 -34.68 -18.15
CA THR A 349 11.80 -33.73 -17.08
C THR A 349 12.86 -33.87 -16.01
N LEU A 350 13.52 -35.02 -15.91
CA LEU A 350 14.62 -35.11 -14.94
C LEU A 350 15.90 -34.50 -15.48
N GLY A 351 15.98 -34.33 -16.79
CA GLY A 351 17.13 -33.62 -17.34
C GLY A 351 17.11 -32.21 -16.78
N ILE A 352 15.96 -31.57 -16.94
CA ILE A 352 15.69 -30.19 -16.55
C ILE A 352 15.97 -29.93 -15.10
N ILE A 353 15.42 -30.80 -14.23
CA ILE A 353 15.63 -30.71 -12.81
C ILE A 353 17.10 -30.77 -12.47
N ALA A 354 17.88 -31.54 -13.24
CA ALA A 354 19.37 -31.51 -13.14
C ALA A 354 19.96 -30.10 -13.52
N ILE A 355 19.39 -29.47 -14.52
CA ILE A 355 19.87 -28.21 -14.97
C ILE A 355 19.54 -27.13 -13.93
N MET A 356 18.36 -27.21 -13.36
CA MET A 356 17.98 -26.31 -12.32
C MET A 356 18.87 -26.45 -11.12
N ASP A 357 19.16 -27.66 -10.70
CA ASP A 357 19.99 -27.81 -9.52
C ASP A 357 21.39 -27.25 -9.65
N GLY A 358 22.03 -27.50 -10.79
CA GLY A 358 23.38 -26.96 -11.08
C GLY A 358 23.43 -25.44 -11.09
N VAL A 359 22.53 -24.82 -11.82
CA VAL A 359 22.40 -23.40 -11.82
C VAL A 359 22.21 -22.80 -10.40
N GLU A 360 21.35 -23.41 -9.59
CA GLU A 360 21.10 -22.87 -8.26
C GLU A 360 22.36 -22.86 -7.43
N CYS A 361 23.29 -23.76 -7.74
CA CYS A 361 24.58 -23.79 -7.02
C CYS A 361 25.39 -22.49 -7.20
N ILE A 362 25.10 -21.74 -8.27
CA ILE A 362 25.85 -20.53 -8.58
C ILE A 362 25.62 -19.48 -7.48
N HIS A 363 24.35 -19.08 -7.32
CA HIS A 363 24.00 -18.11 -6.30
C HIS A 363 24.00 -18.72 -4.90
N THR A 364 23.71 -20.00 -4.75
CA THR A 364 23.62 -20.51 -3.40
C THR A 364 24.98 -20.64 -2.76
N PHE A 365 25.98 -21.06 -3.53
CA PHE A 365 27.31 -21.34 -2.95
C PHE A 365 28.47 -20.53 -3.55
N GLY A 366 28.16 -19.53 -4.38
CA GLY A 366 29.22 -18.78 -5.05
C GLY A 366 30.04 -19.72 -5.94
N ALA A 367 29.33 -20.48 -6.76
CA ALA A 367 29.96 -21.56 -7.53
C ALA A 367 29.92 -21.22 -9.00
N ASP A 368 30.94 -21.65 -9.71
CA ASP A 368 31.10 -21.42 -11.15
C ASP A 368 30.10 -22.31 -11.92
N PHE A 369 29.47 -21.82 -12.99
CA PHE A 369 28.53 -22.62 -13.82
C PHE A 369 29.00 -24.02 -14.25
N ARG A 370 30.32 -24.19 -14.33
CA ARG A 370 30.90 -25.48 -14.74
C ARG A 370 30.99 -26.48 -13.57
N ASP A 371 31.01 -25.98 -12.33
CA ASP A 371 31.24 -26.84 -11.15
C ASP A 371 30.20 -27.96 -10.96
N VAL A 372 28.93 -27.65 -11.22
CA VAL A 372 27.85 -28.60 -11.17
C VAL A 372 26.90 -28.18 -12.29
N ARG A 373 27.06 -28.81 -13.46
CA ARG A 373 26.22 -28.44 -14.61
C ARG A 373 25.29 -29.60 -14.93
N GLY A 374 24.14 -29.29 -15.49
CA GLY A 374 23.12 -30.27 -15.74
C GLY A 374 22.86 -30.29 -17.23
N PHE A 375 22.54 -31.46 -17.79
CA PHE A 375 22.31 -31.62 -19.22
C PHE A 375 21.03 -32.38 -19.49
N LEU A 376 20.24 -31.91 -20.44
CA LEU A 376 19.07 -32.66 -20.94
C LEU A 376 19.27 -33.29 -22.34
N ILE A 377 18.98 -34.58 -22.42
CA ILE A 377 18.90 -35.33 -23.67
C ILE A 377 17.47 -35.74 -24.00
N PHE A 397 22.46 -26.23 -22.75
CA PHE A 397 21.82 -27.04 -21.70
C PHE A 397 21.02 -28.23 -22.30
N THR A 398 20.39 -28.01 -23.45
CA THR A 398 19.64 -29.06 -24.16
C THR A 398 20.51 -29.67 -25.27
N PHE A 399 21.53 -30.45 -24.89
CA PHE A 399 22.48 -31.07 -25.84
C PHE A 399 22.18 -32.55 -26.07
N SER A 400 21.63 -32.89 -27.25
CA SER A 400 21.19 -34.27 -27.57
C SER A 400 22.34 -35.28 -27.86
N GLN A 401 22.01 -36.50 -28.33
CA GLN A 401 22.93 -37.66 -28.18
C GLN A 401 24.37 -37.49 -28.71
N GLU A 402 24.53 -37.34 -30.03
CA GLU A 402 25.87 -37.22 -30.65
C GLU A 402 26.46 -35.82 -30.39
N ASP A 403 25.61 -34.80 -30.27
CA ASP A 403 26.03 -33.41 -29.94
C ASP A 403 26.79 -33.37 -28.58
N PHE A 404 26.29 -34.10 -27.60
CA PHE A 404 26.98 -34.21 -26.30
C PHE A 404 28.26 -35.06 -26.38
N LEU A 405 28.23 -36.11 -27.19
CA LEU A 405 29.40 -36.96 -27.41
C LEU A 405 30.61 -36.20 -27.97
N THR A 406 30.39 -35.40 -28.99
CA THR A 406 31.49 -34.67 -29.63
C THR A 406 31.81 -33.38 -28.89
N SER A 407 30.81 -32.68 -28.35
CA SER A 407 31.05 -31.39 -27.66
C SER A 407 31.65 -31.49 -26.24
N ILE A 408 30.87 -32.05 -25.30
CA ILE A 408 31.27 -32.01 -23.89
C ILE A 408 32.28 -33.12 -23.57
N LEU A 409 32.03 -34.31 -24.13
CA LEU A 409 32.81 -35.52 -23.84
C LEU A 409 34.35 -35.37 -23.90
N PRO A 410 34.90 -34.73 -24.96
CA PRO A 410 36.36 -34.53 -25.04
C PRO A 410 37.07 -34.01 -23.79
N SER A 411 36.53 -32.94 -23.21
CA SER A 411 37.19 -32.12 -22.17
C SER A 411 37.16 -32.70 -20.74
N LEU A 412 36.91 -34.00 -20.59
CA LEU A 412 36.71 -34.60 -19.27
C LEU A 412 38.03 -34.79 -18.54
N THR A 413 38.08 -35.64 -17.53
CA THR A 413 39.32 -35.86 -16.79
C THR A 413 39.09 -36.80 -15.62
N GLU A 414 40.17 -37.40 -15.10
CA GLU A 414 40.12 -38.52 -14.13
C GLU A 414 39.38 -38.24 -12.80
N ILE A 415 39.43 -36.97 -12.37
CA ILE A 415 38.85 -36.51 -11.09
C ILE A 415 37.40 -36.00 -11.18
N ASP A 416 36.93 -35.70 -12.40
CA ASP A 416 35.54 -35.26 -12.65
C ASP A 416 34.50 -36.31 -12.16
N THR A 417 33.21 -35.98 -12.27
CA THR A 417 32.13 -36.91 -11.90
C THR A 417 30.88 -36.75 -12.77
N VAL A 418 30.33 -37.88 -13.21
CA VAL A 418 29.15 -37.83 -14.06
C VAL A 418 28.02 -38.67 -13.47
N VAL A 419 26.81 -38.15 -13.63
CA VAL A 419 25.65 -38.68 -12.94
C VAL A 419 24.52 -38.77 -13.94
N PHE A 420 23.97 -39.97 -14.03
CA PHE A 420 22.96 -40.27 -15.04
C PHE A 420 21.66 -40.50 -14.32
N ILE A 421 20.62 -39.89 -14.87
CA ILE A 421 19.35 -39.77 -14.22
C ILE A 421 18.26 -40.07 -15.23
N PHE A 422 17.60 -41.21 -15.03
CA PHE A 422 16.63 -41.70 -16.02
C PHE A 422 15.67 -42.68 -15.36
N THR A 423 14.59 -42.94 -16.09
CA THR A 423 13.66 -44.00 -15.76
C THR A 423 13.93 -45.16 -16.72
N LEU A 424 13.40 -46.32 -16.40
CA LEU A 424 13.51 -47.47 -17.29
C LEU A 424 12.44 -47.44 -18.35
N ASP A 425 11.91 -46.26 -18.64
CA ASP A 425 10.97 -46.06 -19.75
C ASP A 425 11.58 -45.10 -20.77
N ASP A 426 12.82 -44.69 -20.54
CA ASP A 426 13.49 -43.82 -21.50
C ASP A 426 14.09 -44.64 -22.65
N ASN A 427 14.51 -43.95 -23.70
CA ASN A 427 15.38 -44.57 -24.68
C ASN A 427 16.64 -45.05 -23.94
N LEU A 428 16.59 -46.28 -23.43
CA LEU A 428 17.73 -46.87 -22.74
C LEU A 428 18.93 -47.21 -23.65
N THR A 429 18.74 -47.18 -24.97
CA THR A 429 19.84 -47.30 -25.95
C THR A 429 20.75 -46.05 -26.05
N GLU A 430 20.21 -44.85 -25.88
CA GLU A 430 21.04 -43.62 -25.80
C GLU A 430 21.88 -43.72 -24.55
N VAL A 431 21.22 -44.13 -23.46
CA VAL A 431 21.85 -44.20 -22.14
C VAL A 431 23.14 -44.99 -22.20
N GLN A 432 23.04 -46.27 -22.56
CA GLN A 432 24.18 -47.20 -22.51
C GLN A 432 25.39 -46.71 -23.29
N THR A 433 25.11 -46.15 -24.47
CA THR A 433 26.11 -45.56 -25.37
C THR A 433 26.96 -44.54 -24.64
N ILE A 434 26.29 -43.46 -24.21
CA ILE A 434 26.93 -42.27 -23.66
C ILE A 434 27.74 -42.60 -22.43
N VAL A 435 27.26 -43.57 -21.66
CA VAL A 435 28.00 -44.03 -20.48
C VAL A 435 29.26 -44.75 -20.90
N GLU A 436 29.14 -45.59 -21.93
CA GLU A 436 30.29 -46.33 -22.50
C GLU A 436 31.46 -45.39 -22.87
N GLN A 437 31.14 -44.31 -23.56
CA GLN A 437 32.18 -43.34 -23.93
C GLN A 437 32.74 -42.61 -22.68
N VAL A 438 31.85 -42.21 -21.76
CA VAL A 438 32.24 -41.53 -20.50
C VAL A 438 33.08 -42.40 -19.56
N LYS A 439 32.74 -43.67 -19.46
CA LYS A 439 33.57 -44.65 -18.76
C LYS A 439 35.04 -44.73 -19.26
N GLU A 440 35.25 -44.44 -20.54
CA GLU A 440 36.63 -44.35 -21.08
C GLU A 440 37.37 -43.13 -20.54
N LYS A 441 36.83 -41.94 -20.79
CA LYS A 441 37.43 -40.68 -20.32
C LYS A 441 37.30 -40.42 -18.77
N THR A 442 36.38 -41.08 -18.06
CA THR A 442 36.32 -41.02 -16.57
C THR A 442 35.68 -42.28 -15.94
N ASN A 443 36.01 -42.53 -14.67
CA ASN A 443 35.47 -43.64 -13.87
C ASN A 443 34.50 -43.27 -12.69
N HIS A 444 34.57 -42.04 -12.16
CA HIS A 444 33.61 -41.60 -11.14
C HIS A 444 32.27 -41.34 -11.77
N ILE A 445 31.63 -42.40 -12.22
CA ILE A 445 30.25 -42.31 -12.64
C ILE A 445 29.46 -42.94 -11.51
N GLN A 446 28.14 -42.66 -11.50
CA GLN A 446 27.16 -43.25 -10.60
C GLN A 446 25.88 -42.90 -11.32
N ALA A 447 24.74 -43.45 -10.90
CA ALA A 447 23.46 -43.14 -11.56
C ALA A 447 22.27 -43.17 -10.61
N LEU A 448 21.14 -42.67 -11.13
CA LEU A 448 19.89 -42.56 -10.38
C LEU A 448 18.78 -43.08 -11.27
N ALA A 449 18.24 -44.25 -10.92
CA ALA A 449 17.27 -44.92 -11.83
C ALA A 449 15.94 -45.21 -11.15
N HIS A 450 14.86 -44.81 -11.84
CA HIS A 450 13.49 -44.98 -11.36
C HIS A 450 12.74 -46.07 -12.14
N SER A 451 12.23 -47.05 -11.40
CA SER A 451 11.53 -48.18 -11.99
C SER A 451 10.22 -48.43 -11.26
N THR A 452 9.19 -48.83 -12.00
CA THR A 452 8.08 -49.59 -11.41
C THR A 452 8.66 -50.98 -10.99
N VAL A 453 8.13 -51.59 -9.92
CA VAL A 453 8.65 -52.91 -9.43
C VAL A 453 8.60 -54.02 -10.48
N GLY A 454 9.67 -54.83 -10.53
CA GLY A 454 9.75 -55.92 -11.50
C GLY A 454 10.14 -55.46 -12.89
N GLN A 455 10.69 -54.26 -13.00
CA GLN A 455 11.39 -53.84 -14.20
C GLN A 455 12.84 -54.17 -13.91
N THR A 456 13.56 -54.54 -14.97
CA THR A 456 14.94 -54.99 -14.80
C THR A 456 15.85 -54.17 -15.68
N LEU A 457 17.07 -53.98 -15.18
CA LEU A 457 18.15 -53.29 -15.89
C LEU A 457 18.79 -54.14 -16.99
N PRO A 458 18.47 -53.87 -18.30
CA PRO A 458 19.29 -54.47 -19.36
C PRO A 458 20.74 -54.63 -18.96
N ILE A 459 21.27 -55.85 -19.16
CA ILE A 459 22.58 -56.28 -18.60
C ILE A 459 23.83 -55.45 -19.01
N PRO A 460 23.84 -54.85 -20.23
CA PRO A 460 24.98 -53.96 -20.49
C PRO A 460 25.03 -52.81 -19.50
N LEU A 461 23.94 -52.03 -19.43
CA LEU A 461 23.79 -50.91 -18.46
C LEU A 461 24.05 -51.36 -17.03
N LYS A 462 23.40 -52.44 -16.63
CA LYS A 462 23.54 -53.03 -15.30
C LYS A 462 25.01 -53.14 -14.87
N LYS A 463 25.87 -53.59 -15.78
CA LYS A 463 27.25 -53.90 -15.42
C LYS A 463 28.14 -52.67 -15.27
N LEU A 464 27.82 -51.61 -16.01
CA LEU A 464 28.59 -50.35 -15.94
C LEU A 464 28.43 -49.59 -14.59
N PHE A 465 27.42 -49.93 -13.78
CA PHE A 465 27.22 -49.29 -12.46
C PHE A 465 27.34 -50.24 -11.26
N PRO A 466 28.39 -50.04 -10.42
CA PRO A 466 28.53 -50.89 -9.23
C PRO A 466 27.42 -50.68 -8.18
N SER A 467 27.46 -49.56 -7.45
CA SER A 467 26.58 -49.35 -6.25
C SER A 467 25.20 -48.71 -6.53
N ILE A 468 24.95 -48.42 -7.80
CA ILE A 468 23.75 -47.74 -8.34
C ILE A 468 22.57 -47.34 -7.38
N ILE A 469 21.96 -46.18 -7.67
CA ILE A 469 20.79 -45.71 -6.95
C ILE A 469 19.54 -46.03 -7.77
N SER A 470 18.94 -47.15 -7.38
CA SER A 470 17.71 -47.57 -7.99
C SER A 470 16.59 -47.24 -7.00
N ILE A 471 15.50 -46.71 -7.55
CA ILE A 471 14.34 -46.35 -6.77
C ILE A 471 13.18 -46.98 -7.48
N THR A 472 12.59 -47.97 -6.82
CA THR A 472 11.52 -48.74 -7.44
C THR A 472 10.22 -48.28 -6.79
N TRP A 473 9.21 -48.03 -7.62
CA TRP A 473 7.91 -47.53 -7.19
C TRP A 473 6.81 -48.60 -7.28
N PRO A 474 6.15 -48.92 -6.15
CA PRO A 474 5.04 -49.87 -6.21
C PRO A 474 4.02 -49.56 -7.30
N LEU A 475 3.18 -50.52 -7.67
CA LEU A 475 2.12 -50.23 -8.62
C LEU A 475 1.14 -49.26 -7.95
N LEU A 476 0.73 -48.23 -8.70
CA LEU A 476 -0.39 -47.37 -8.31
C LEU A 476 -1.31 -47.27 -9.51
N PHE A 477 -2.62 -47.42 -9.29
CA PHE A 477 -3.59 -47.29 -10.40
C PHE A 477 -3.83 -45.81 -10.75
N PHE A 478 -3.75 -45.50 -12.04
CA PHE A 478 -3.67 -44.12 -12.50
C PHE A 478 -4.78 -43.81 -13.50
N GLU A 479 -5.39 -42.65 -13.32
CA GLU A 479 -6.57 -42.28 -14.08
C GLU A 479 -6.18 -41.90 -15.51
N TYR A 480 -5.04 -41.22 -15.68
CA TYR A 480 -4.70 -40.62 -16.97
C TYR A 480 -3.55 -41.27 -17.72
N GLU A 481 -3.54 -41.01 -19.04
CA GLU A 481 -2.66 -41.67 -20.02
C GLU A 481 -1.16 -41.50 -19.76
N GLY A 482 -0.76 -40.30 -19.32
CA GLY A 482 0.66 -39.97 -19.03
C GLY A 482 1.20 -40.44 -17.68
N ASN A 483 0.30 -40.91 -16.80
CA ASN A 483 0.62 -41.35 -15.42
C ASN A 483 1.33 -40.21 -14.65
N PHE A 484 0.57 -39.14 -14.51
CA PHE A 484 1.14 -37.91 -14.04
C PHE A 484 1.63 -38.05 -12.61
N ILE A 485 0.91 -38.82 -11.81
CA ILE A 485 1.33 -39.12 -10.44
C ILE A 485 2.66 -39.86 -10.37
N GLN A 486 2.94 -40.71 -11.35
CA GLN A 486 4.25 -41.33 -11.42
C GLN A 486 5.32 -40.28 -11.72
N LYS A 487 5.00 -39.39 -12.63
CA LYS A 487 5.92 -38.32 -13.02
C LYS A 487 6.27 -37.48 -11.76
N PHE A 488 5.22 -37.00 -11.07
CA PHE A 488 5.44 -36.13 -9.92
C PHE A 488 6.24 -36.72 -8.86
N GLN A 489 6.07 -38.01 -8.60
CA GLN A 489 6.83 -38.63 -7.52
C GLN A 489 8.27 -38.62 -7.82
N ARG A 490 8.59 -38.86 -9.08
CA ARG A 490 9.98 -39.10 -9.48
C ARG A 490 10.79 -37.79 -9.60
N GLU A 491 10.19 -36.81 -10.27
CA GLU A 491 10.70 -35.46 -10.27
C GLU A 491 11.04 -35.07 -8.81
N LEU A 492 10.05 -35.22 -7.93
CA LEU A 492 10.24 -34.81 -6.55
C LEU A 492 11.36 -35.58 -5.88
N SER A 493 11.37 -36.90 -6.02
CA SER A 493 12.42 -37.74 -5.41
C SER A 493 13.81 -37.35 -5.95
N THR A 494 13.89 -37.08 -7.26
CA THR A 494 15.17 -36.63 -7.86
C THR A 494 15.64 -35.27 -7.29
N LYS A 495 14.72 -34.31 -7.30
CA LYS A 495 14.95 -33.04 -6.58
C LYS A 495 15.59 -33.25 -5.25
N TRP A 496 14.95 -34.03 -4.38
CA TRP A 496 15.55 -34.30 -3.05
C TRP A 496 16.90 -34.90 -3.12
N VAL A 497 17.14 -35.79 -4.08
CA VAL A 497 18.46 -36.41 -4.11
C VAL A 497 19.47 -35.38 -4.55
N LEU A 498 19.18 -34.76 -5.66
CA LEU A 498 20.11 -33.75 -6.18
C LEU A 498 20.42 -32.61 -5.18
N ASN A 499 19.37 -31.94 -4.67
CA ASN A 499 19.50 -30.87 -3.62
C ASN A 499 20.35 -31.36 -2.43
N THR A 500 20.08 -32.57 -1.95
CA THR A 500 20.85 -33.06 -0.83
C THR A 500 22.31 -33.27 -1.21
N VAL A 501 22.54 -33.67 -2.46
CA VAL A 501 23.91 -33.93 -2.92
C VAL A 501 24.64 -32.62 -3.11
N SER A 502 23.99 -31.68 -3.79
CA SER A 502 24.67 -30.41 -4.11
C SER A 502 24.96 -29.68 -2.83
N THR A 503 23.96 -29.56 -1.99
CA THR A 503 24.13 -28.85 -0.72
C THR A 503 25.13 -29.58 0.11
N GLY A 504 24.98 -30.90 0.23
CA GLY A 504 25.86 -31.67 1.12
C GLY A 504 27.30 -31.55 0.65
N ALA A 505 27.49 -31.61 -0.67
CA ALA A 505 28.86 -31.60 -1.21
C ALA A 505 29.59 -30.34 -0.73
N HIS A 506 28.90 -29.17 -0.80
CA HIS A 506 29.53 -27.89 -0.47
C HIS A 506 29.66 -27.63 1.00
N VAL A 507 28.81 -28.23 1.78
CA VAL A 507 29.00 -28.13 3.20
C VAL A 507 30.28 -28.89 3.58
N LEU A 508 30.43 -30.08 3.02
CA LEU A 508 31.63 -30.87 3.29
C LEU A 508 32.94 -30.07 3.08
N LEU A 509 32.95 -29.19 2.07
CA LEU A 509 34.10 -28.33 1.74
C LEU A 509 34.35 -27.24 2.74
N GLY A 510 33.50 -27.11 3.75
CA GLY A 510 33.73 -26.13 4.83
C GLY A 510 33.26 -24.71 4.53
N LYS A 511 32.48 -24.54 3.48
CA LYS A 511 31.97 -23.22 3.06
C LYS A 511 30.68 -22.72 3.74
N ILE A 512 30.14 -23.49 4.69
CA ILE A 512 28.92 -23.13 5.44
C ILE A 512 29.33 -22.93 6.88
N LEU A 513 28.74 -21.94 7.56
CA LEU A 513 29.07 -21.65 8.96
C LEU A 513 27.90 -21.99 9.89
N GLN A 514 28.09 -23.02 10.72
CA GLN A 514 27.01 -23.71 11.43
C GLN A 514 25.92 -24.23 10.43
N ASN A 515 24.79 -23.53 10.31
CA ASN A 515 23.86 -23.73 9.20
C ASN A 515 23.50 -22.47 8.44
N HIS A 516 24.49 -21.59 8.29
CA HIS A 516 24.31 -20.36 7.53
C HIS A 516 25.33 -20.31 6.39
N MET A 517 24.93 -19.77 5.25
CA MET A 517 25.89 -19.40 4.22
C MET A 517 26.27 -17.92 4.40
N LEU A 518 27.43 -17.73 5.00
CA LEU A 518 27.93 -16.42 5.40
C LEU A 518 28.31 -15.56 4.21
N ASP A 519 28.95 -16.18 3.24
CA ASP A 519 29.60 -15.46 2.17
C ASP A 519 28.74 -15.46 0.96
N LEU A 520 27.52 -14.94 1.08
CA LEU A 520 26.65 -14.86 -0.07
C LEU A 520 26.85 -13.53 -0.81
N ARG A 521 26.44 -13.54 -2.05
CA ARG A 521 26.45 -12.37 -2.87
C ARG A 521 25.11 -11.67 -2.72
N ILE A 522 25.12 -10.39 -2.36
CA ILE A 522 23.87 -9.69 -2.20
C ILE A 522 23.33 -9.28 -3.56
N SER A 523 22.34 -10.00 -4.06
CA SER A 523 21.81 -9.64 -5.38
C SER A 523 20.36 -9.19 -5.40
N ASN A 524 19.75 -9.06 -4.22
CA ASN A 524 18.42 -8.49 -4.10
C ASN A 524 18.20 -8.02 -2.69
N SER A 525 17.10 -7.34 -2.44
CA SER A 525 16.86 -6.77 -1.14
C SER A 525 16.72 -7.87 -0.04
N LYS A 526 16.07 -8.98 -0.36
CA LYS A 526 15.95 -10.05 0.63
C LYS A 526 17.30 -10.52 1.17
N LEU A 527 18.27 -10.67 0.30
CA LEU A 527 19.59 -11.12 0.65
C LEU A 527 20.31 -9.98 1.39
N PHE A 528 19.98 -8.75 1.02
CA PHE A 528 20.47 -7.65 1.77
C PHE A 528 20.06 -7.81 3.23
N TRP A 529 18.79 -8.11 3.50
CA TRP A 529 18.33 -8.27 4.87
C TRP A 529 18.88 -9.48 5.56
N ARG A 530 19.03 -10.58 4.82
CA ARG A 530 19.57 -11.81 5.36
C ARG A 530 20.99 -11.55 5.84
N ALA A 531 21.75 -10.77 5.07
CA ALA A 531 23.10 -10.38 5.46
C ALA A 531 23.09 -9.59 6.74
N LEU A 532 22.27 -8.56 6.77
CA LEU A 532 22.18 -7.75 7.99
C LEU A 532 21.84 -8.62 9.19
N ALA A 533 20.87 -9.51 9.08
CA ALA A 533 20.55 -10.43 10.18
C ALA A 533 21.71 -11.33 10.55
N MET A 534 22.46 -11.78 9.56
CA MET A 534 23.62 -12.58 9.90
C MET A 534 24.68 -11.78 10.66
N LEU A 535 24.81 -10.48 10.37
CA LEU A 535 25.71 -9.61 11.15
C LEU A 535 25.24 -9.42 12.60
N GLN A 536 23.96 -9.12 12.78
CA GLN A 536 23.43 -9.08 14.15
C GLN A 536 23.64 -10.39 14.90
N ARG A 537 23.46 -11.53 14.24
CA ARG A 537 23.51 -12.83 14.90
C ARG A 537 24.94 -13.19 15.33
N PHE A 538 25.86 -13.19 14.38
CA PHE A 538 27.23 -13.51 14.65
C PHE A 538 28.03 -12.41 15.37
N SER A 539 27.62 -11.14 15.33
CA SER A 539 28.37 -10.05 16.05
C SER A 539 27.81 -9.69 17.42
N GLY A 540 26.50 -9.76 17.58
CA GLY A 540 25.86 -9.43 18.85
C GLY A 540 25.84 -7.94 19.10
N GLN A 541 26.35 -7.16 18.15
CA GLN A 541 26.46 -5.71 18.29
C GLN A 541 25.24 -5.08 17.69
N SER A 542 25.09 -3.78 17.87
CA SER A 542 23.80 -3.18 17.70
C SER A 542 23.45 -3.11 16.22
N LYS A 543 22.20 -2.75 15.98
CA LYS A 543 21.62 -2.58 14.67
C LYS A 543 22.37 -1.54 13.84
N ALA A 544 22.67 -0.40 14.47
CA ALA A 544 23.36 0.73 13.81
C ALA A 544 24.79 0.42 13.41
N ARG A 545 25.48 -0.35 14.24
CA ARG A 545 26.85 -0.74 13.91
C ARG A 545 26.88 -1.79 12.79
N CYS A 546 25.94 -2.72 12.83
CA CYS A 546 25.85 -3.74 11.83
C CYS A 546 25.59 -3.14 10.48
N ILE A 547 24.61 -2.24 10.45
CA ILE A 547 24.26 -1.56 9.23
C ILE A 547 25.41 -0.70 8.69
N GLU A 548 26.08 0.02 9.57
CA GLU A 548 27.20 0.87 9.15
C GLU A 548 28.28 -0.01 8.56
N SER A 549 28.62 -1.07 9.25
CA SER A 549 29.66 -1.94 8.72
C SER A 549 29.35 -2.59 7.35
N LEU A 550 28.07 -2.91 7.12
CA LEU A 550 27.63 -3.52 5.86
C LEU A 550 27.73 -2.50 4.73
N LEU A 551 27.25 -1.27 4.94
CA LEU A 551 27.34 -0.21 3.93
C LEU A 551 28.75 0.21 3.60
N ARG A 552 29.60 0.29 4.60
CA ARG A 552 31.01 0.58 4.37
C ARG A 552 31.63 -0.52 3.53
N ALA A 553 31.35 -1.77 3.89
CA ALA A 553 31.86 -2.94 3.15
C ALA A 553 31.36 -2.86 1.74
N ILE A 554 30.06 -2.59 1.58
CA ILE A 554 29.55 -2.54 0.22
C ILE A 554 30.21 -1.44 -0.57
N HIS A 555 30.13 -0.24 -0.04
CA HIS A 555 30.57 0.92 -0.80
C HIS A 555 32.05 1.24 -0.78
N PHE A 556 32.82 0.64 0.12
CA PHE A 556 34.28 0.75 0.04
C PHE A 556 34.71 0.74 -1.39
N PRO A 557 35.61 1.65 -1.79
CA PRO A 557 36.37 2.69 -1.06
C PRO A 557 35.67 4.05 -0.78
N GLN A 558 34.43 4.26 -1.22
CA GLN A 558 33.74 5.48 -0.89
C GLN A 558 33.33 5.39 0.59
N PRO A 559 33.38 6.50 1.34
CA PRO A 559 32.93 6.53 2.75
C PRO A 559 31.43 6.76 2.86
N LEU A 560 30.85 6.41 4.00
CA LEU A 560 29.46 6.78 4.29
C LEU A 560 29.14 8.26 4.15
N SER A 561 28.27 8.61 3.21
CA SER A 561 27.76 9.96 3.11
C SER A 561 26.30 9.88 3.48
N ASP A 562 25.63 11.02 3.60
CA ASP A 562 24.22 11.07 3.97
C ASP A 562 23.36 10.54 2.78
N ASP A 563 23.82 10.77 1.54
CA ASP A 563 23.16 10.24 0.33
C ASP A 563 23.14 8.69 0.45
N ILE A 564 24.30 8.10 0.70
CA ILE A 564 24.44 6.66 0.78
C ILE A 564 23.62 6.15 1.93
N ARG A 565 23.68 6.81 3.08
CA ARG A 565 22.81 6.37 4.20
C ARG A 565 21.31 6.39 3.87
N ALA A 566 20.94 7.28 2.95
CA ALA A 566 19.56 7.53 2.67
C ALA A 566 19.13 6.78 1.43
N ALA A 567 20.05 6.11 0.75
CA ALA A 567 19.71 5.60 -0.57
C ALA A 567 18.69 4.44 -0.49
N PRO A 568 17.92 4.22 -1.54
CA PRO A 568 17.10 3.02 -1.56
C PRO A 568 17.96 1.74 -1.57
N ILE A 569 17.42 0.67 -1.01
CA ILE A 569 18.16 -0.59 -0.89
C ILE A 569 18.71 -1.08 -2.22
N SER A 570 18.07 -0.76 -3.34
CA SER A 570 18.59 -1.23 -4.64
C SER A 570 19.92 -0.67 -5.01
N CYS A 571 20.21 0.53 -4.51
CA CYS A 571 21.51 1.12 -4.75
C CYS A 571 22.62 0.27 -4.05
N HIS A 572 22.38 -0.11 -2.80
CA HIS A 572 23.35 -0.98 -2.16
C HIS A 572 23.47 -2.35 -2.86
N VAL A 573 22.32 -2.89 -3.27
CA VAL A 573 22.31 -4.18 -3.95
C VAL A 573 23.14 -4.09 -5.25
N GLN A 574 22.86 -3.10 -6.07
CA GLN A 574 23.53 -3.01 -7.36
C GLN A 574 25.05 -2.97 -7.22
N VAL A 575 25.55 -2.35 -6.15
CA VAL A 575 27.00 -2.25 -5.89
C VAL A 575 27.54 -3.50 -5.20
N ALA A 576 26.83 -4.04 -4.21
CA ALA A 576 27.27 -5.32 -3.57
C ALA A 576 27.34 -6.51 -4.59
N HIS A 577 26.41 -6.53 -5.53
CA HIS A 577 26.30 -7.64 -6.46
C HIS A 577 27.62 -7.89 -7.19
N GLU A 578 28.40 -6.83 -7.36
CA GLU A 578 29.63 -6.89 -8.12
C GLU A 578 30.86 -7.22 -7.26
N LYS A 579 30.72 -7.38 -5.96
CA LYS A 579 31.88 -7.54 -5.06
C LYS A 579 31.98 -8.95 -4.42
N GLU A 580 33.15 -9.23 -3.85
CA GLU A 580 33.48 -10.49 -3.22
C GLU A 580 33.63 -10.30 -1.75
N GLN A 581 33.24 -11.29 -0.98
CA GLN A 581 33.44 -11.25 0.45
C GLN A 581 32.86 -10.03 1.19
N VAL A 582 31.89 -9.36 0.61
CA VAL A 582 31.22 -8.31 1.34
C VAL A 582 30.91 -8.71 2.77
N ILE A 583 30.21 -9.83 3.01
CA ILE A 583 29.77 -10.08 4.38
C ILE A 583 30.89 -10.47 5.36
N PRO A 584 31.81 -11.31 4.91
CA PRO A 584 32.88 -11.62 5.84
C PRO A 584 33.71 -10.36 6.22
N ILE A 585 34.02 -9.50 5.26
CA ILE A 585 34.70 -8.21 5.50
C ILE A 585 33.93 -7.34 6.49
N ALA A 586 32.61 -7.30 6.34
CA ALA A 586 31.80 -6.56 7.28
C ALA A 586 31.82 -7.18 8.66
N LEU A 587 31.79 -8.49 8.74
CA LEU A 587 31.82 -9.14 10.04
C LEU A 587 33.13 -8.90 10.75
N LEU A 588 34.24 -9.11 10.03
CA LEU A 588 35.53 -8.94 10.66
C LEU A 588 35.64 -7.48 11.21
N SER A 589 35.28 -6.51 10.39
CA SER A 589 35.28 -5.12 10.80
C SER A 589 34.66 -4.94 12.18
N LEU A 590 33.53 -5.58 12.42
CA LEU A 590 32.80 -5.50 13.68
C LEU A 590 33.49 -6.24 14.81
N LEU A 591 33.91 -7.47 14.55
CA LEU A 591 34.56 -8.30 15.58
C LEU A 591 35.86 -7.64 16.04
N PHE A 592 36.73 -7.33 15.11
CA PHE A 592 37.97 -6.61 15.42
C PHE A 592 37.83 -5.12 15.71
N ARG A 593 36.61 -4.60 15.64
CA ARG A 593 36.37 -3.16 15.80
C ARG A 593 37.28 -2.30 14.98
N CYS A 594 37.44 -2.65 13.70
CA CYS A 594 38.44 -2.03 12.84
C CYS A 594 37.90 -1.48 11.52
N SER A 595 38.77 -0.85 10.75
CA SER A 595 38.36 -0.31 9.47
C SER A 595 38.26 -1.41 8.40
N ILE A 596 37.75 -1.03 7.24
CA ILE A 596 37.60 -1.92 6.12
C ILE A 596 38.96 -2.23 5.52
N THR A 597 39.87 -1.28 5.64
CA THR A 597 41.23 -1.45 5.16
C THR A 597 41.92 -2.52 6.01
N GLU A 598 41.64 -2.49 7.30
CA GLU A 598 42.28 -3.40 8.23
C GLU A 598 41.71 -4.81 8.09
N ALA A 599 40.41 -4.93 7.90
CA ALA A 599 39.77 -6.23 7.76
C ALA A 599 40.12 -6.87 6.42
N GLN A 600 40.12 -6.10 5.34
CA GLN A 600 40.57 -6.61 4.05
C GLN A 600 41.97 -7.19 4.07
N ALA A 601 42.92 -6.54 4.74
CA ALA A 601 44.29 -6.99 4.68
C ALA A 601 44.51 -8.16 5.62
N HIS A 602 43.69 -8.22 6.68
CA HIS A 602 43.68 -9.37 7.55
C HIS A 602 43.16 -10.57 6.77
N LEU A 603 42.04 -10.38 6.08
CA LEU A 603 41.46 -11.46 5.32
C LEU A 603 42.47 -11.99 4.31
N ALA A 604 43.13 -11.10 3.57
CA ALA A 604 44.10 -11.54 2.54
C ALA A 604 45.36 -12.19 3.17
N ALA A 605 45.60 -11.93 4.45
CA ALA A 605 46.65 -12.61 5.22
C ALA A 605 46.00 -13.65 6.12
N ALA A 606 45.21 -14.52 5.52
CA ALA A 606 44.82 -15.73 6.18
C ALA A 606 44.77 -16.81 5.08
N PRO A 607 44.83 -18.08 5.48
CA PRO A 607 44.82 -19.10 4.42
C PRO A 607 43.51 -19.09 3.63
N SER A 608 42.38 -18.84 4.29
CA SER A 608 41.10 -18.75 3.59
C SER A 608 40.03 -17.97 4.38
N VAL A 609 38.90 -17.73 3.71
CA VAL A 609 37.80 -16.94 4.27
C VAL A 609 37.22 -17.63 5.52
N CYS A 610 36.79 -18.88 5.33
CA CYS A 610 36.25 -19.74 6.38
C CYS A 610 37.19 -19.76 7.57
N GLU A 611 38.48 -19.93 7.25
CA GLU A 611 39.54 -19.99 8.23
C GLU A 611 39.51 -18.71 9.03
N ALA A 612 39.67 -17.58 8.32
CA ALA A 612 39.73 -16.26 8.96
C ALA A 612 38.49 -15.95 9.79
N VAL A 613 37.31 -16.32 9.32
CA VAL A 613 36.07 -15.97 10.05
C VAL A 613 35.95 -16.82 11.29
N ARG A 614 36.17 -18.13 11.12
CA ARG A 614 36.24 -19.10 12.24
C ARG A 614 37.17 -18.63 13.36
N SER A 615 38.42 -18.32 13.02
CA SER A 615 39.39 -17.81 14.01
C SER A 615 38.85 -16.55 14.64
N ALA A 616 38.41 -15.61 13.81
CA ALA A 616 37.89 -14.34 14.36
C ALA A 616 36.72 -14.59 15.30
N LEU A 617 35.84 -15.52 14.94
CA LEU A 617 34.71 -15.79 15.82
C LEU A 617 35.15 -16.30 17.18
N ALA A 618 36.28 -16.98 17.26
CA ALA A 618 36.92 -17.30 18.56
C ALA A 618 37.54 -16.07 19.26
N MET B 13 -8.01 -10.90 19.16
CA MET B 13 -9.48 -11.08 19.03
C MET B 13 -9.93 -10.72 17.62
N PRO B 14 -11.25 -10.81 17.36
CA PRO B 14 -11.88 -10.01 16.29
C PRO B 14 -12.07 -8.53 16.73
N GLY B 15 -11.63 -7.59 15.89
CA GLY B 15 -11.56 -6.16 16.25
C GLY B 15 -10.15 -5.67 16.47
N THR B 16 -9.21 -6.54 16.80
CA THR B 16 -7.83 -6.10 17.05
C THR B 16 -7.24 -5.40 15.83
N LYS B 17 -7.39 -6.02 14.65
CA LYS B 17 -6.83 -5.48 13.40
C LYS B 17 -7.46 -4.14 13.02
N ARG B 18 -8.78 -4.12 12.87
CA ARG B 18 -9.47 -2.90 12.47
C ARG B 18 -9.19 -1.71 13.37
N PHE B 19 -8.80 -1.96 14.62
CA PHE B 19 -8.57 -0.89 15.55
C PHE B 19 -7.15 -0.82 16.03
N GLN B 20 -6.25 -1.48 15.32
CA GLN B 20 -4.85 -1.54 15.75
C GLN B 20 -4.11 -0.24 15.75
N HIS B 21 -4.35 0.58 14.73
CA HIS B 21 -3.71 1.91 14.60
C HIS B 21 -4.16 2.92 15.66
N VAL B 22 -5.23 2.61 16.38
CA VAL B 22 -5.79 3.55 17.34
C VAL B 22 -4.89 3.63 18.55
N ILE B 23 -4.67 4.81 19.08
CA ILE B 23 -3.82 5.01 20.24
C ILE B 23 -4.63 4.97 21.52
N GLU B 24 -3.96 4.56 22.61
CA GLU B 24 -4.62 4.30 23.88
C GLU B 24 -4.93 5.59 24.65
N THR B 25 -6.06 5.61 25.33
CA THR B 25 -6.44 6.80 26.05
C THR B 25 -5.41 7.03 27.16
N PRO B 26 -4.88 8.25 27.24
CA PRO B 26 -3.92 8.65 28.28
C PRO B 26 -4.55 8.74 29.67
N GLU B 27 -3.71 8.76 30.70
CA GLU B 27 -4.19 8.92 32.07
C GLU B 27 -4.22 10.41 32.44
N PRO B 28 -5.07 10.80 33.42
CA PRO B 28 -5.29 12.23 33.71
C PRO B 28 -4.01 13.04 33.85
N GLY B 29 -4.00 14.21 33.22
CA GLY B 29 -2.82 15.07 33.16
C GLY B 29 -1.61 14.39 32.55
N LYS B 30 -1.79 13.31 31.81
CA LYS B 30 -0.67 12.68 31.12
C LYS B 30 -0.91 12.60 29.61
N TRP B 31 -1.70 13.53 29.06
CA TRP B 31 -1.98 13.57 27.62
C TRP B 31 -0.72 13.97 26.84
N GLU B 32 -0.23 15.16 27.19
CA GLU B 32 1.05 15.77 26.75
C GLU B 32 2.28 14.84 26.76
N LEU B 33 2.57 14.20 27.89
CA LEU B 33 3.76 13.32 28.03
C LEU B 33 3.47 11.85 27.71
N SER B 34 2.22 11.55 27.37
CA SER B 34 1.86 10.30 26.70
C SER B 34 2.31 10.30 25.24
N GLY B 35 2.25 11.45 24.55
CA GLY B 35 2.60 11.54 23.12
C GLY B 35 1.41 11.34 22.18
N TYR B 36 0.23 11.19 22.76
CA TYR B 36 -1.01 11.17 22.05
C TYR B 36 -1.22 12.54 21.35
N GLU B 37 -1.10 13.67 22.08
CA GLU B 37 -1.31 14.99 21.45
C GLU B 37 -0.36 15.20 20.27
N ALA B 38 0.83 14.61 20.36
CA ALA B 38 1.83 14.76 19.30
C ALA B 38 1.43 13.99 18.05
N ALA B 39 0.60 12.97 18.23
CA ALA B 39 0.06 12.22 17.14
C ALA B 39 -1.30 12.77 16.60
N VAL B 40 -1.88 13.75 17.27
CA VAL B 40 -3.19 14.29 16.80
C VAL B 40 -2.90 15.14 15.61
N PRO B 41 -3.51 14.82 14.46
CA PRO B 41 -3.18 15.67 13.32
C PRO B 41 -3.59 17.14 13.51
N ILE B 42 -2.83 18.02 12.88
CA ILE B 42 -3.08 19.45 13.00
C ILE B 42 -4.48 19.73 12.53
N THR B 43 -4.89 19.12 11.44
CA THR B 43 -6.21 19.43 10.93
C THR B 43 -7.27 18.97 11.93
N GLU B 44 -6.92 18.01 12.81
CA GLU B 44 -7.84 17.57 13.90
C GLU B 44 -7.64 18.21 15.27
N LYS B 45 -6.59 18.95 15.50
CA LYS B 45 -6.38 19.39 16.86
C LYS B 45 -7.44 20.37 17.25
N SER B 46 -7.62 20.46 18.54
CA SER B 46 -8.31 21.56 19.16
C SER B 46 -7.39 22.80 19.06
N ASN B 47 -7.91 23.92 18.60
CA ASN B 47 -7.13 25.14 18.51
C ASN B 47 -7.18 25.86 19.83
N PRO B 48 -6.04 26.14 20.45
CA PRO B 48 -6.14 26.70 21.84
C PRO B 48 -6.86 28.04 21.93
N LEU B 49 -6.69 28.86 20.91
CA LEU B 49 -7.42 30.08 20.80
C LEU B 49 -8.91 29.92 21.02
N THR B 50 -9.49 28.76 20.66
CA THR B 50 -10.95 28.62 20.66
C THR B 50 -11.48 27.70 21.75
N GLN B 51 -10.73 27.52 22.81
CA GLN B 51 -11.10 26.53 23.79
C GLN B 51 -12.38 26.90 24.54
N ASP B 52 -12.71 28.18 24.59
CA ASP B 52 -13.98 28.58 25.21
C ASP B 52 -14.85 29.31 24.21
N LEU B 53 -14.92 28.78 23.00
CA LEU B 53 -15.75 29.37 21.96
C LEU B 53 -17.22 29.19 22.34
N ASP B 54 -17.55 28.04 22.94
CA ASP B 54 -18.88 27.83 23.46
C ASP B 54 -19.34 28.89 24.49
N LYS B 55 -18.43 29.64 25.11
CA LYS B 55 -18.81 30.70 26.08
C LYS B 55 -18.55 32.14 25.63
N ALA B 56 -18.45 32.37 24.33
CA ALA B 56 -18.07 33.69 23.83
C ALA B 56 -19.27 34.37 23.17
N ASP B 57 -19.42 35.68 23.37
CA ASP B 57 -20.41 36.49 22.61
C ASP B 57 -20.01 36.56 21.15
N ALA B 58 -20.85 37.17 20.31
CA ALA B 58 -20.66 37.13 18.89
C ALA B 58 -19.43 37.89 18.45
N GLU B 59 -19.20 39.06 19.06
CA GLU B 59 -18.04 39.88 18.67
C GLU B 59 -16.76 39.13 19.04
N ASN B 60 -16.77 38.42 20.16
CA ASN B 60 -15.62 37.60 20.50
C ASN B 60 -15.42 36.42 19.56
N ILE B 61 -16.52 35.79 19.14
CA ILE B 61 -16.45 34.73 18.12
C ILE B 61 -15.80 35.23 16.85
N VAL B 62 -16.21 36.42 16.38
CA VAL B 62 -15.61 36.96 15.15
C VAL B 62 -14.09 37.28 15.32
N ARG B 63 -13.70 37.68 16.53
CA ARG B 63 -12.32 38.04 16.80
C ARG B 63 -11.49 36.75 16.78
N LEU B 64 -11.96 35.72 17.47
CA LEU B 64 -11.23 34.46 17.58
C LEU B 64 -11.09 33.74 16.21
N LEU B 65 -12.17 33.63 15.46
CA LEU B 65 -12.10 33.03 14.15
C LEU B 65 -11.25 33.77 13.20
N GLY B 66 -11.31 35.09 13.30
CA GLY B 66 -10.45 35.91 12.47
C GLY B 66 -9.00 35.62 12.78
N GLN B 67 -8.67 35.50 14.05
CA GLN B 67 -7.31 35.12 14.43
C GLN B 67 -6.99 33.69 13.94
N CYS B 68 -7.94 32.74 14.01
CA CYS B 68 -7.64 31.39 13.49
C CYS B 68 -7.25 31.44 12.04
N ASP B 69 -8.05 32.13 11.22
CA ASP B 69 -7.71 32.33 9.79
C ASP B 69 -6.37 33.00 9.52
N ALA B 70 -6.00 33.91 10.41
CA ALA B 70 -4.72 34.63 10.23
C ALA B 70 -3.54 33.67 10.29
N GLU B 71 -3.72 32.59 11.06
CA GLU B 71 -2.69 31.58 11.19
C GLU B 71 -2.25 31.05 9.84
N ILE B 72 -3.13 31.12 8.86
CA ILE B 72 -2.75 30.71 7.51
C ILE B 72 -1.47 31.39 7.05
N PHE B 73 -1.34 32.67 7.36
CA PHE B 73 -0.21 33.51 6.86
C PHE B 73 0.93 33.66 7.87
N GLN B 74 0.72 33.21 9.08
CA GLN B 74 1.78 33.27 10.08
C GLN B 74 3.08 32.48 9.72
N GLU B 75 4.24 33.07 10.04
CA GLU B 75 5.53 32.51 9.61
C GLU B 75 6.08 31.46 10.58
N GLU B 76 7.01 30.65 10.09
CA GLU B 76 7.59 29.54 10.87
C GLU B 76 8.35 30.05 12.09
N GLY B 77 8.00 29.53 13.27
CA GLY B 77 8.60 29.95 14.56
C GLY B 77 9.08 28.76 15.39
N GLN B 78 9.93 29.03 16.40
CA GLN B 78 10.67 27.98 17.13
C GLN B 78 10.27 27.95 18.60
N SER B 81 11.94 21.66 15.43
CA SER B 81 10.79 21.56 16.33
C SER B 81 9.43 21.87 15.65
N THR B 82 9.35 22.93 14.85
CA THR B 82 8.07 23.29 14.20
C THR B 82 8.07 23.00 12.70
N TYR B 83 6.87 23.08 12.14
CA TYR B 83 6.55 22.60 10.79
C TYR B 83 6.67 23.70 9.76
N GLN B 84 7.03 23.33 8.54
CA GLN B 84 7.13 24.29 7.43
C GLN B 84 5.74 24.97 7.24
N ARG B 85 5.72 26.25 6.89
CA ARG B 85 4.50 27.02 6.77
C ARG B 85 4.44 27.66 5.41
N LEU B 86 3.37 28.36 5.13
CA LEU B 86 3.10 28.90 3.79
C LEU B 86 4.24 29.72 3.16
N TYR B 87 4.90 30.51 3.99
CA TYR B 87 5.97 31.41 3.55
C TYR B 87 7.35 30.78 3.67
N SER B 88 7.43 29.58 4.26
CA SER B 88 8.69 28.86 4.35
C SER B 88 9.24 28.60 2.97
N GLU B 89 10.54 28.58 2.88
CA GLU B 89 11.24 28.55 1.60
C GLU B 89 11.09 27.19 0.87
N SER B 90 11.03 26.12 1.65
CA SER B 90 10.73 24.78 1.12
C SER B 90 9.37 24.82 0.41
N ILE B 91 8.37 25.47 1.04
CA ILE B 91 7.03 25.59 0.44
C ILE B 91 7.00 26.50 -0.81
N LEU B 92 7.65 27.66 -0.75
CA LEU B 92 7.65 28.55 -1.95
C LEU B 92 8.43 27.94 -3.07
N THR B 93 9.52 27.25 -2.78
CA THR B 93 10.28 26.55 -3.83
C THR B 93 9.37 25.49 -4.49
N THR B 94 8.59 24.79 -3.69
CA THR B 94 7.78 23.74 -4.25
C THR B 94 6.68 24.34 -5.09
N MET B 95 6.10 25.43 -4.62
CA MET B 95 5.10 26.15 -5.42
C MET B 95 5.73 26.55 -6.75
N VAL B 96 6.97 27.03 -6.73
CA VAL B 96 7.57 27.52 -7.98
C VAL B 96 7.86 26.36 -8.90
N GLN B 97 8.37 25.24 -8.39
CA GLN B 97 8.66 24.09 -9.28
C GLN B 97 7.39 23.54 -9.95
N VAL B 98 6.27 23.62 -9.23
CA VAL B 98 5.04 23.12 -9.78
C VAL B 98 4.45 24.03 -10.86
N ALA B 99 4.35 25.30 -10.53
CA ALA B 99 4.11 26.38 -11.53
C ALA B 99 4.83 26.13 -12.80
N GLY B 100 6.10 25.78 -12.68
CA GLY B 100 6.95 25.49 -13.83
C GLY B 100 6.56 24.23 -14.58
N LYS B 101 5.98 23.27 -13.88
CA LYS B 101 5.55 22.04 -14.56
C LYS B 101 4.24 22.28 -15.30
N VAL B 102 3.44 23.15 -14.72
CA VAL B 102 2.24 23.57 -15.37
C VAL B 102 2.54 24.40 -16.63
N GLN B 103 3.50 25.33 -16.51
CA GLN B 103 3.96 26.14 -17.66
C GLN B 103 4.34 25.31 -18.84
N GLU B 104 5.00 24.19 -18.60
CA GLU B 104 5.38 23.30 -19.69
C GLU B 104 4.13 22.86 -20.42
N VAL B 105 3.13 22.46 -19.66
CA VAL B 105 1.88 21.99 -20.25
C VAL B 105 1.15 23.12 -20.92
N LEU B 106 1.22 24.33 -20.38
CA LEU B 106 0.66 25.48 -21.09
C LEU B 106 1.30 25.66 -22.50
N LYS B 107 2.60 25.37 -22.62
CA LYS B 107 3.37 25.67 -23.84
C LYS B 107 3.14 24.67 -24.97
N GLU B 108 2.74 23.45 -24.62
CA GLU B 108 2.44 22.42 -25.60
C GLU B 108 1.16 21.74 -25.16
N PRO B 109 0.01 22.30 -25.56
CA PRO B 109 -1.34 21.86 -25.17
C PRO B 109 -1.93 20.66 -25.91
N ASP B 110 -1.32 20.21 -26.99
CA ASP B 110 -1.84 19.05 -27.69
C ASP B 110 -1.70 17.84 -26.74
N GLY B 111 -2.83 17.44 -26.19
CA GLY B 111 -2.88 16.29 -25.30
C GLY B 111 -2.54 16.59 -23.86
N GLY B 112 -2.63 17.85 -23.44
CA GLY B 112 -2.34 18.24 -22.07
C GLY B 112 -3.61 18.40 -21.26
N LEU B 113 -3.51 18.22 -19.95
CA LEU B 113 -4.64 18.49 -19.06
C LEU B 113 -4.16 18.83 -17.64
N VAL B 114 -4.90 19.70 -16.98
CA VAL B 114 -4.64 19.92 -15.59
C VAL B 114 -5.89 19.61 -14.77
N VAL B 115 -5.78 18.62 -13.88
CA VAL B 115 -6.92 18.13 -13.14
C VAL B 115 -6.80 18.63 -11.72
N LEU B 116 -7.86 19.22 -11.18
CA LEU B 116 -7.91 19.56 -9.79
C LEU B 116 -8.96 18.64 -9.12
N SER B 117 -8.57 17.84 -8.12
CA SER B 117 -9.47 16.85 -7.50
C SER B 117 -9.56 16.76 -5.97
N GLY B 118 -10.73 16.46 -5.44
CA GLY B 118 -10.88 16.07 -4.07
C GLY B 118 -12.33 15.87 -3.64
N GLY B 119 -12.54 15.56 -2.37
CA GLY B 119 -13.91 15.34 -1.83
C GLY B 119 -14.41 16.53 -1.07
N GLY B 120 -15.73 16.61 -0.94
CA GLY B 120 -16.38 17.64 -0.16
C GLY B 120 -15.82 19.00 -0.59
N THR B 121 -15.50 19.86 0.37
CA THR B 121 -15.06 21.21 0.08
C THR B 121 -13.79 21.28 -0.74
N SER B 122 -12.92 20.30 -0.68
CA SER B 122 -11.77 20.32 -1.56
C SER B 122 -12.19 20.16 -2.98
N GLY B 123 -13.24 19.38 -3.21
CA GLY B 123 -13.81 19.20 -4.54
C GLY B 123 -14.49 20.49 -4.99
N ARG B 124 -15.22 21.12 -4.09
CA ARG B 124 -15.86 22.38 -4.42
C ARG B 124 -14.82 23.47 -4.81
N MET B 125 -13.70 23.59 -4.07
CA MET B 125 -12.68 24.54 -4.45
C MET B 125 -12.04 24.14 -5.78
N ALA B 126 -11.90 22.86 -6.03
CA ALA B 126 -11.43 22.39 -7.33
C ALA B 126 -12.32 22.90 -8.45
N PHE B 127 -13.62 22.87 -8.24
CA PHE B 127 -14.56 23.30 -9.24
C PHE B 127 -14.39 24.78 -9.53
N LEU B 128 -14.46 25.61 -8.50
CA LEU B 128 -14.34 27.05 -8.74
C LEU B 128 -13.06 27.43 -9.51
N MET B 129 -11.95 26.93 -9.06
CA MET B 129 -10.72 27.37 -9.63
C MET B 129 -10.62 26.88 -11.04
N SER B 130 -11.18 25.73 -11.34
CA SER B 130 -11.12 25.21 -12.71
C SER B 130 -11.91 26.08 -13.71
N VAL B 131 -13.05 26.59 -13.23
CA VAL B 131 -13.84 27.53 -13.96
C VAL B 131 -12.97 28.78 -14.19
N SER B 132 -12.55 29.44 -13.11
CA SER B 132 -11.75 30.64 -13.24
C SER B 132 -10.58 30.53 -14.22
N PHE B 133 -9.77 29.49 -14.14
CA PHE B 133 -8.58 29.37 -15.01
C PHE B 133 -8.90 28.89 -16.41
N ASN B 134 -10.02 28.19 -16.61
CA ASN B 134 -10.48 27.97 -17.98
C ASN B 134 -10.94 29.29 -18.61
N GLN B 135 -11.58 30.18 -17.84
CA GLN B 135 -11.92 31.51 -18.33
C GLN B 135 -10.70 32.33 -18.79
N LEU B 136 -9.69 32.42 -17.93
CA LEU B 136 -8.41 33.04 -18.27
C LEU B 136 -7.87 32.55 -19.57
N MET B 137 -7.86 31.26 -19.78
CA MET B 137 -7.35 30.76 -21.05
C MET B 137 -8.22 31.12 -22.27
N LYS B 138 -9.52 31.20 -22.03
CA LYS B 138 -10.51 31.64 -23.00
C LYS B 138 -10.17 33.07 -23.46
N GLY B 139 -10.06 34.01 -22.52
CA GLY B 139 -9.61 35.37 -22.78
C GLY B 139 -8.22 35.58 -23.41
N LEU B 140 -7.58 34.52 -23.89
CA LEU B 140 -6.39 34.66 -24.70
C LEU B 140 -6.53 33.79 -25.94
N GLY B 141 -7.77 33.42 -26.28
CA GLY B 141 -8.01 32.48 -27.36
C GLY B 141 -7.08 31.29 -27.31
N GLN B 142 -6.91 30.71 -26.12
CA GLN B 142 -6.30 29.41 -25.98
C GLN B 142 -7.39 28.42 -25.55
N LYS B 143 -7.19 27.17 -25.91
CA LYS B 143 -8.09 26.10 -25.54
C LYS B 143 -8.02 25.83 -24.00
N PRO B 144 -9.18 25.78 -23.31
CA PRO B 144 -9.19 25.50 -21.86
C PRO B 144 -8.50 24.16 -21.54
N LEU B 145 -7.67 24.13 -20.52
CA LEU B 145 -7.02 22.88 -20.17
C LEU B 145 -7.35 22.30 -18.79
N TYR B 146 -8.13 23.00 -17.97
CA TYR B 146 -8.38 22.56 -16.60
C TYR B 146 -9.68 21.79 -16.49
N THR B 147 -9.72 20.86 -15.55
CA THR B 147 -10.98 20.25 -15.18
C THR B 147 -10.94 19.84 -13.74
N TYR B 148 -12.07 19.37 -13.25
CA TYR B 148 -12.18 19.05 -11.85
C TYR B 148 -12.80 17.67 -11.70
N LEU B 149 -12.54 17.06 -10.56
CA LEU B 149 -13.01 15.75 -10.20
C LEU B 149 -13.38 15.93 -8.77
N ILE B 150 -14.65 15.72 -8.44
CA ILE B 150 -15.09 15.71 -7.07
C ILE B 150 -15.74 14.35 -6.76
N ALA B 151 -15.44 13.86 -5.57
CA ALA B 151 -15.96 12.60 -5.07
C ALA B 151 -17.45 12.60 -5.23
N GLY B 152 -17.94 11.63 -6.00
CA GLY B 152 -19.36 11.33 -6.08
C GLY B 152 -20.00 11.97 -7.30
N GLY B 153 -19.16 12.50 -8.20
CA GLY B 153 -19.57 13.14 -9.45
C GLY B 153 -20.10 14.54 -9.23
N ASP B 154 -20.51 15.19 -10.32
CA ASP B 154 -20.65 16.66 -10.35
C ASP B 154 -21.81 17.17 -9.53
N ARG B 155 -22.82 16.33 -9.32
CA ARG B 155 -23.83 16.68 -8.35
C ARG B 155 -23.23 17.01 -6.95
N SER B 156 -22.13 16.35 -6.55
CA SER B 156 -21.51 16.65 -5.24
C SER B 156 -21.15 18.12 -5.05
N VAL B 157 -20.93 18.85 -6.14
CA VAL B 157 -20.55 20.24 -6.01
C VAL B 157 -21.47 21.09 -5.14
N VAL B 158 -22.77 20.78 -5.18
CA VAL B 158 -23.82 21.59 -4.55
C VAL B 158 -24.62 20.83 -3.48
N ALA B 159 -24.14 19.66 -3.08
CA ALA B 159 -24.87 18.82 -2.13
C ALA B 159 -24.00 18.36 -1.00
N SER B 160 -24.66 17.89 0.03
CA SER B 160 -23.99 17.26 1.16
C SER B 160 -23.90 15.77 0.88
N ARG B 161 -22.70 15.25 0.62
CA ARG B 161 -22.47 13.86 0.22
C ARG B 161 -21.13 13.33 0.80
N GLU B 162 -21.07 13.30 2.13
CA GLU B 162 -19.80 13.04 2.84
C GLU B 162 -19.32 11.60 2.64
N GLY B 163 -20.25 10.70 2.30
CA GLY B 163 -19.94 9.27 2.07
C GLY B 163 -19.05 8.94 0.90
N THR B 164 -19.07 9.75 -0.13
CA THR B 164 -18.43 9.38 -1.39
C THR B 164 -16.89 9.36 -1.48
N GLU B 165 -16.21 9.89 -0.49
CA GLU B 165 -14.76 10.03 -0.56
C GLU B 165 -13.97 8.76 -0.16
N ASP B 166 -14.71 7.72 0.27
CA ASP B 166 -14.09 6.58 0.96
C ASP B 166 -13.52 5.50 0.07
N SER B 167 -13.73 5.66 -1.22
CA SER B 167 -13.31 4.64 -2.18
C SER B 167 -12.23 5.15 -3.11
N ALA B 168 -11.11 4.44 -3.07
CA ALA B 168 -9.94 4.67 -3.89
C ALA B 168 -10.15 4.32 -5.33
N LEU B 169 -10.97 3.32 -5.58
CA LEU B 169 -11.20 2.88 -6.95
C LEU B 169 -12.12 3.87 -7.68
N HIS B 170 -13.07 4.44 -6.97
CA HIS B 170 -13.93 5.42 -7.55
C HIS B 170 -13.08 6.64 -7.99
N GLY B 171 -12.05 6.96 -7.20
CA GLY B 171 -11.17 8.08 -7.55
C GLY B 171 -10.35 7.78 -8.79
N ILE B 172 -9.88 6.56 -8.85
CA ILE B 172 -9.12 6.11 -9.99
C ILE B 172 -9.96 6.03 -11.22
N GLU B 173 -11.20 5.60 -11.11
CA GLU B 173 -12.07 5.52 -12.29
C GLU B 173 -12.34 6.89 -12.89
N GLU B 174 -12.64 7.87 -12.05
CA GLU B 174 -12.96 9.18 -12.54
C GLU B 174 -11.74 9.78 -13.24
N LEU B 175 -10.55 9.47 -12.75
CA LEU B 175 -9.37 10.04 -13.31
C LEU B 175 -9.14 9.41 -14.66
N LYS B 176 -9.37 8.11 -14.77
CA LYS B 176 -9.19 7.46 -16.07
C LYS B 176 -10.18 8.00 -17.12
N LYS B 177 -11.39 8.38 -16.74
CA LYS B 177 -12.32 8.90 -17.74
C LYS B 177 -11.80 10.20 -18.35
N VAL B 178 -11.46 11.12 -17.48
CA VAL B 178 -11.05 12.43 -17.91
C VAL B 178 -9.65 12.41 -18.59
N ALA B 179 -8.80 11.48 -18.22
CA ALA B 179 -7.45 11.48 -18.75
C ALA B 179 -7.25 10.58 -19.96
N ALA B 180 -8.32 9.97 -20.44
CA ALA B 180 -8.19 8.91 -21.44
C ALA B 180 -7.64 9.48 -22.74
N GLY B 181 -6.60 8.82 -23.26
CA GLY B 181 -5.90 9.28 -24.46
C GLY B 181 -5.08 10.58 -24.40
N LYS B 182 -4.96 11.22 -23.23
CA LYS B 182 -4.14 12.46 -23.13
C LYS B 182 -2.70 12.04 -23.01
N LYS B 183 -1.77 12.93 -23.32
CA LYS B 183 -0.35 12.54 -23.27
C LYS B 183 0.40 13.12 -22.09
N ARG B 184 -0.07 14.26 -21.58
CA ARG B 184 0.53 14.89 -20.41
C ARG B 184 -0.49 15.42 -19.46
N VAL B 185 -0.60 14.81 -18.28
CA VAL B 185 -1.59 15.24 -17.29
C VAL B 185 -0.98 15.57 -15.95
N ILE B 186 -1.32 16.75 -15.44
CA ILE B 186 -0.94 17.10 -14.10
C ILE B 186 -2.17 16.91 -13.27
N VAL B 187 -2.01 16.19 -12.16
CA VAL B 187 -3.12 15.90 -11.25
C VAL B 187 -2.90 16.49 -9.90
N ILE B 188 -3.69 17.50 -9.59
CA ILE B 188 -3.54 18.15 -8.32
C ILE B 188 -4.61 17.62 -7.41
N GLY B 189 -4.16 16.81 -6.46
CA GLY B 189 -5.05 16.12 -5.55
C GLY B 189 -5.07 16.85 -4.25
N ILE B 190 -6.25 17.18 -3.78
CA ILE B 190 -6.37 18.06 -2.67
C ILE B 190 -7.09 17.36 -1.54
N SER B 191 -6.39 17.19 -0.43
CA SER B 191 -7.01 16.66 0.76
C SER B 191 -6.37 17.32 1.93
N VAL B 192 -7.16 18.12 2.58
CA VAL B 192 -6.67 18.96 3.59
C VAL B 192 -6.06 18.14 4.70
N GLY B 193 -6.81 17.12 5.15
CA GLY B 193 -6.26 16.20 6.14
C GLY B 193 -5.16 15.24 5.66
N LEU B 194 -4.83 15.21 4.37
CA LEU B 194 -4.04 14.08 3.81
C LEU B 194 -4.78 12.79 4.25
N SER B 195 -6.03 12.73 3.82
CA SER B 195 -7.01 11.91 4.42
C SER B 195 -7.83 11.09 3.42
N ALA B 196 -8.27 11.70 2.30
CA ALA B 196 -9.23 11.06 1.43
C ALA B 196 -8.73 9.89 0.55
N PRO B 197 -9.37 8.70 0.69
CA PRO B 197 -9.05 7.55 -0.18
C PRO B 197 -9.28 7.84 -1.68
N PHE B 198 -10.34 8.58 -1.99
CA PHE B 198 -10.56 9.12 -3.35
C PHE B 198 -9.29 9.73 -3.92
N VAL B 199 -8.63 10.58 -3.16
CA VAL B 199 -7.40 11.17 -3.65
C VAL B 199 -6.19 10.27 -3.57
N ALA B 200 -6.03 9.56 -2.47
CA ALA B 200 -4.91 8.61 -2.35
C ALA B 200 -4.90 7.68 -3.52
N GLY B 201 -6.06 7.18 -3.91
CA GLY B 201 -6.11 6.33 -5.10
C GLY B 201 -5.52 6.96 -6.36
N GLN B 202 -6.02 8.17 -6.67
CA GLN B 202 -5.52 8.94 -7.82
C GLN B 202 -4.01 9.18 -7.78
N MET B 203 -3.46 9.51 -6.60
CA MET B 203 -2.03 9.83 -6.56
C MET B 203 -1.24 8.58 -6.86
N ASP B 204 -1.68 7.44 -6.32
CA ASP B 204 -0.91 6.18 -6.48
C ASP B 204 -0.97 5.73 -7.92
N CYS B 205 -2.14 5.87 -8.53
CA CYS B 205 -2.26 5.71 -9.98
C CYS B 205 -1.22 6.51 -10.77
N CYS B 206 -1.16 7.82 -10.55
CA CYS B 206 -0.21 8.68 -11.27
C CYS B 206 1.18 8.18 -11.10
N MET B 207 1.55 7.78 -9.90
CA MET B 207 2.96 7.34 -9.72
C MET B 207 3.25 6.06 -10.48
N ASN B 208 2.24 5.22 -10.67
CA ASN B 208 2.41 3.98 -11.45
C ASN B 208 2.47 4.23 -12.97
N ASN B 209 2.39 5.50 -13.45
CA ASN B 209 2.50 5.82 -14.89
C ASN B 209 2.95 7.27 -15.09
N THR B 210 4.22 7.51 -14.77
CA THR B 210 4.81 8.84 -14.74
C THR B 210 5.19 9.32 -16.11
N ALA B 211 5.06 8.46 -17.11
CA ALA B 211 5.26 8.87 -18.49
C ALA B 211 4.20 9.87 -18.93
N VAL B 212 3.01 9.77 -18.35
CA VAL B 212 1.87 10.63 -18.67
C VAL B 212 1.51 11.54 -17.50
N PHE B 213 1.55 11.01 -16.29
CA PHE B 213 1.02 11.71 -15.12
C PHE B 213 2.09 12.34 -14.24
N LEU B 214 1.83 13.58 -13.86
CA LEU B 214 2.53 14.20 -12.77
C LEU B 214 1.55 14.51 -11.61
N PRO B 215 1.68 13.76 -10.53
CA PRO B 215 0.84 14.04 -9.37
C PRO B 215 1.39 15.12 -8.43
N VAL B 216 0.49 15.92 -7.87
CA VAL B 216 0.80 16.96 -6.97
C VAL B 216 -0.21 16.91 -5.84
N LEU B 217 0.22 16.58 -4.64
CA LEU B 217 -0.68 16.45 -3.50
C LEU B 217 -0.66 17.71 -2.64
N VAL B 218 -1.82 18.23 -2.32
CA VAL B 218 -1.96 19.39 -1.49
C VAL B 218 -2.80 19.16 -0.22
N GLY B 219 -2.26 19.55 0.92
CA GLY B 219 -3.03 19.43 2.14
C GLY B 219 -2.27 20.18 3.16
N PHE B 220 -2.62 20.03 4.43
CA PHE B 220 -2.13 20.92 5.44
C PHE B 220 -1.73 20.20 6.72
N ASN B 221 -1.37 18.94 6.58
CA ASN B 221 -0.73 18.19 7.64
C ASN B 221 0.64 17.74 7.18
N PRO B 222 1.57 17.54 8.11
CA PRO B 222 2.83 16.87 7.71
C PRO B 222 2.54 15.46 7.30
N VAL B 223 3.37 14.95 6.42
CA VAL B 223 3.17 13.64 5.93
C VAL B 223 3.18 12.65 7.09
N SER B 224 4.00 12.86 8.10
CA SER B 224 3.98 11.99 9.27
C SER B 224 2.64 11.90 9.98
N MET B 225 1.72 12.81 9.70
CA MET B 225 0.39 12.70 10.28
C MET B 225 -0.68 12.34 9.28
N ALA B 226 -0.32 12.04 8.04
CA ALA B 226 -1.33 11.57 7.06
C ALA B 226 -1.98 10.33 7.62
N ARG B 227 -3.20 10.09 7.19
CA ARG B 227 -3.95 8.90 7.60
C ARG B 227 -3.20 7.68 7.24
N ASN B 228 -3.16 6.77 8.20
CA ASN B 228 -2.44 5.53 8.05
C ASN B 228 -3.32 4.34 8.43
N ASP B 229 -4.64 4.53 8.47
CA ASP B 229 -5.58 3.44 8.65
C ASP B 229 -5.81 2.86 7.30
N PRO B 230 -6.26 1.60 7.25
CA PRO B 230 -6.48 0.89 5.97
C PRO B 230 -7.69 1.40 5.21
N ILE B 231 -7.52 1.42 3.91
CA ILE B 231 -8.51 1.81 2.92
C ILE B 231 -9.13 0.56 2.35
N GLU B 232 -10.42 0.54 2.21
CA GLU B 232 -11.11 -0.74 2.08
C GLU B 232 -10.89 -1.39 0.76
N ASP B 233 -10.62 -0.63 -0.28
CA ASP B 233 -10.32 -1.26 -1.57
C ASP B 233 -8.89 -1.04 -2.00
N TRP B 234 -7.97 -0.81 -1.09
CA TRP B 234 -6.63 -0.45 -1.53
C TRP B 234 -5.63 -0.99 -0.52
N SER B 235 -4.40 -1.29 -0.95
CA SER B 235 -3.46 -1.97 -0.05
C SER B 235 -2.52 -1.07 0.74
N SER B 236 -2.22 0.11 0.20
CA SER B 236 -1.42 1.07 0.90
C SER B 236 -2.34 2.02 1.66
N THR B 237 -1.73 2.90 2.47
CA THR B 237 -2.48 3.87 3.26
C THR B 237 -2.09 5.21 2.65
N PHE B 238 -2.79 6.27 3.05
CA PHE B 238 -2.51 7.61 2.49
C PHE B 238 -1.08 8.05 2.84
N ARG B 239 -0.63 7.77 4.05
CA ARG B 239 0.75 8.08 4.45
C ARG B 239 1.81 7.47 3.53
N GLN B 240 1.57 6.24 3.07
CA GLN B 240 2.58 5.53 2.34
C GLN B 240 2.60 6.10 0.99
N VAL B 241 1.43 6.44 0.50
CA VAL B 241 1.38 7.05 -0.83
C VAL B 241 2.08 8.41 -0.77
N ALA B 242 1.80 9.20 0.25
CA ALA B 242 2.41 10.52 0.37
C ALA B 242 3.94 10.44 0.59
N GLU B 243 4.41 9.47 1.38
CA GLU B 243 5.85 9.20 1.56
C GLU B 243 6.54 8.87 0.25
N ARG B 244 5.89 8.04 -0.58
CA ARG B 244 6.47 7.71 -1.87
C ARG B 244 6.52 8.93 -2.79
N MET B 245 5.49 9.77 -2.79
CA MET B 245 5.53 10.99 -3.57
C MET B 245 6.67 11.90 -3.11
N GLN B 246 6.80 12.08 -1.82
CA GLN B 246 7.94 12.85 -1.29
C GLN B 246 9.31 12.36 -1.77
N LYS B 247 9.53 11.07 -1.90
CA LYS B 247 10.83 10.58 -2.42
C LYS B 247 11.06 10.92 -3.90
N MET B 248 9.99 10.88 -4.67
CA MET B 248 10.04 11.25 -6.05
C MET B 248 10.17 12.78 -6.29
N GLN B 249 9.84 13.61 -5.32
CA GLN B 249 9.98 15.04 -5.47
C GLN B 249 11.42 15.45 -5.78
N GLU B 250 12.40 14.77 -5.22
CA GLU B 250 13.84 14.97 -5.52
C GLU B 250 14.14 14.94 -6.99
N LYS B 251 13.48 14.06 -7.73
CA LYS B 251 13.61 13.99 -9.19
C LYS B 251 12.54 14.79 -9.93
N GLN B 252 11.71 15.56 -9.21
CA GLN B 252 10.60 16.33 -9.79
C GLN B 252 9.53 15.55 -10.60
N LYS B 253 9.32 14.31 -10.18
CA LYS B 253 8.31 13.46 -10.77
C LYS B 253 7.04 13.47 -9.92
N ALA B 254 7.06 14.10 -8.76
CA ALA B 254 5.86 14.26 -7.92
C ALA B 254 6.12 15.42 -6.99
N PHE B 255 5.09 15.96 -6.38
CA PHE B 255 5.28 17.00 -5.39
C PHE B 255 4.30 16.87 -4.29
N VAL B 256 4.72 17.24 -3.10
CA VAL B 256 3.86 17.31 -1.97
C VAL B 256 3.94 18.72 -1.44
N LEU B 257 2.80 19.38 -1.32
CA LEU B 257 2.71 20.78 -1.02
C LEU B 257 1.78 20.93 0.17
N ASN B 258 2.40 20.94 1.33
CA ASN B 258 1.75 20.73 2.59
C ASN B 258 2.20 21.63 3.73
N PRO B 259 1.93 22.91 3.60
CA PRO B 259 2.27 23.83 4.69
C PRO B 259 1.33 23.65 5.84
N ALA B 260 1.77 23.92 7.05
CA ALA B 260 0.92 23.91 8.22
C ALA B 260 0.23 25.29 8.33
N ILE B 261 -1.01 25.31 8.73
CA ILE B 261 -1.75 26.56 8.83
C ILE B 261 -2.43 26.72 10.17
N GLY B 262 -2.16 25.74 11.05
CA GLY B 262 -2.72 25.73 12.36
C GLY B 262 -4.09 25.04 12.35
N PRO B 263 -4.53 24.59 13.51
CA PRO B 263 -5.82 23.96 13.62
C PRO B 263 -6.99 24.91 13.36
N GLU B 264 -8.14 24.31 13.03
CA GLU B 264 -9.36 25.03 12.72
C GLU B 264 -9.95 25.56 13.98
N GLY B 265 -10.67 26.67 13.84
CA GLY B 265 -11.36 27.30 14.96
C GLY B 265 -12.43 26.40 15.52
N LEU B 266 -13.10 25.66 14.64
CA LEU B 266 -13.92 24.53 15.05
C LEU B 266 -13.23 23.21 14.64
N SER B 267 -12.85 22.41 15.63
CA SER B 267 -11.95 21.28 15.46
C SER B 267 -12.46 20.38 14.42
N GLY B 268 -11.61 20.11 13.43
CA GLY B 268 -11.95 19.26 12.30
C GLY B 268 -12.73 19.92 11.16
N SER B 269 -13.17 21.18 11.30
CA SER B 269 -13.95 21.76 10.25
C SER B 269 -13.07 22.32 9.14
N SER B 270 -12.52 21.41 8.36
CA SER B 270 -11.61 21.74 7.34
C SER B 270 -12.22 22.58 6.17
N ARG B 271 -13.54 22.75 6.12
CA ARG B 271 -14.18 23.61 5.13
C ARG B 271 -13.67 25.07 5.29
N MET B 272 -13.17 25.42 6.47
CA MET B 272 -12.84 26.81 6.78
C MET B 272 -11.42 27.15 6.35
N LYS B 273 -10.49 27.18 7.30
CA LYS B 273 -9.09 27.39 6.98
C LYS B 273 -8.61 26.54 5.86
N GLY B 274 -8.88 25.26 5.92
CA GLY B 274 -8.32 24.41 4.85
C GLY B 274 -8.83 24.73 3.46
N GLY B 275 -10.13 24.96 3.38
CA GLY B 275 -10.71 25.49 2.15
C GLY B 275 -10.11 26.83 1.72
N SER B 276 -10.09 27.83 2.62
CA SER B 276 -9.44 29.12 2.29
C SER B 276 -8.00 28.91 1.83
N ALA B 277 -7.24 28.17 2.60
CA ALA B 277 -5.82 27.97 2.27
C ALA B 277 -5.67 27.32 0.97
N THR B 278 -6.62 26.46 0.64
CA THR B 278 -6.56 25.74 -0.64
C THR B 278 -6.66 26.72 -1.80
N LYS B 279 -7.64 27.65 -1.76
CA LYS B 279 -7.78 28.69 -2.81
C LYS B 279 -6.54 29.53 -2.86
N ILE B 280 -6.12 29.97 -1.70
CA ILE B 280 -4.96 30.82 -1.63
C ILE B 280 -3.78 30.13 -2.26
N LEU B 281 -3.61 28.84 -1.97
CA LEU B 281 -2.38 28.17 -2.36
C LEU B 281 -2.40 27.91 -3.83
N LEU B 282 -3.52 27.43 -4.34
CA LEU B 282 -3.57 27.06 -5.77
C LEU B 282 -3.82 28.21 -6.77
N GLU B 283 -4.59 29.20 -6.38
CA GLU B 283 -4.78 30.40 -7.22
C GLU B 283 -3.50 31.18 -7.36
N THR B 284 -2.76 31.30 -6.27
CA THR B 284 -1.46 31.93 -6.33
C THR B 284 -0.62 31.22 -7.32
N LEU B 285 -0.47 29.95 -7.12
CA LEU B 285 0.45 29.18 -7.95
C LEU B 285 0.07 29.14 -9.40
N LEU B 286 -1.22 29.08 -9.70
CA LEU B 286 -1.62 28.88 -11.10
C LEU B 286 -1.63 30.22 -11.80
N LEU B 287 -2.06 31.25 -11.07
CA LEU B 287 -2.04 32.58 -11.61
C LEU B 287 -0.57 33.00 -11.97
N ALA B 288 0.37 32.70 -11.11
CA ALA B 288 1.73 32.97 -11.41
C ALA B 288 2.23 32.14 -12.56
N ALA B 289 1.74 30.90 -12.69
CA ALA B 289 2.15 30.06 -13.80
C ALA B 289 1.86 30.78 -15.09
N HIS B 290 0.63 31.31 -15.19
CA HIS B 290 0.15 31.93 -16.43
C HIS B 290 0.85 33.29 -16.69
N LYS B 291 0.73 34.20 -15.72
CA LYS B 291 1.40 35.48 -15.73
C LYS B 291 2.91 35.48 -16.11
N THR B 292 3.64 34.39 -15.86
CA THR B 292 5.09 34.41 -16.03
C THR B 292 5.61 33.38 -17.01
N VAL B 293 4.79 32.94 -17.95
CA VAL B 293 5.29 32.05 -19.00
C VAL B 293 6.46 32.72 -19.72
N ASP B 294 7.57 31.98 -19.82
CA ASP B 294 8.79 32.47 -20.49
C ASP B 294 9.30 33.83 -19.98
N GLN B 295 9.52 33.89 -18.67
CA GLN B 295 10.27 34.95 -18.03
C GLN B 295 11.27 34.38 -17.01
N GLY B 296 11.36 33.06 -16.90
CA GLY B 296 12.29 32.46 -16.00
C GLY B 296 11.80 32.48 -14.58
N ILE B 297 12.44 31.64 -13.77
CA ILE B 297 12.00 31.33 -12.41
C ILE B 297 12.01 32.54 -11.44
N ALA B 298 12.91 33.49 -11.69
CA ALA B 298 13.01 34.69 -10.84
C ALA B 298 11.73 35.52 -10.83
N ALA B 299 11.21 35.79 -12.02
CA ALA B 299 9.93 36.49 -12.12
C ALA B 299 8.83 35.67 -11.40
N SER B 300 8.84 34.36 -11.62
CA SER B 300 7.85 33.46 -11.01
C SER B 300 7.81 33.63 -9.49
N GLN B 301 8.99 33.58 -8.86
CA GLN B 301 9.08 33.67 -7.38
C GLN B 301 8.51 34.96 -6.87
N ARG B 302 8.84 36.02 -7.61
CA ARG B 302 8.41 37.34 -7.26
C ARG B 302 6.93 37.39 -7.35
N CYS B 303 6.41 36.91 -8.47
CA CYS B 303 4.97 36.84 -8.65
C CYS B 303 4.26 36.04 -7.53
N LEU B 304 4.77 34.85 -7.21
CA LEU B 304 4.14 34.03 -6.13
C LEU B 304 3.97 34.91 -4.93
N LEU B 305 5.03 35.62 -4.59
CA LEU B 305 5.06 36.39 -3.34
C LEU B 305 4.14 37.61 -3.39
N GLU B 306 4.04 38.25 -4.55
CA GLU B 306 3.05 39.34 -4.72
C GLU B 306 1.61 38.89 -4.38
N ILE B 307 1.16 37.82 -5.02
CA ILE B 307 -0.20 37.35 -4.86
C ILE B 307 -0.47 36.85 -3.44
N LEU B 308 0.49 36.20 -2.81
CA LEU B 308 0.24 35.80 -1.44
C LEU B 308 0.01 36.97 -0.51
N ARG B 309 0.86 38.01 -0.66
CA ARG B 309 0.76 39.21 0.20
C ARG B 309 -0.58 39.93 -0.03
N THR B 310 -1.02 39.99 -1.28
CA THR B 310 -2.36 40.37 -1.58
C THR B 310 -3.46 39.57 -0.80
N PHE B 311 -3.44 38.24 -0.87
CA PHE B 311 -4.47 37.46 -0.09
C PHE B 311 -4.35 37.76 1.38
N GLU B 312 -3.13 38.00 1.81
CA GLU B 312 -3.03 38.36 3.22
C GLU B 312 -3.60 39.79 3.47
N ARG B 313 -3.52 40.69 2.50
CA ARG B 313 -4.16 42.07 2.69
C ARG B 313 -5.64 41.81 2.89
N ALA B 314 -6.15 40.88 2.03
CA ALA B 314 -7.58 40.54 1.95
C ALA B 314 -8.13 40.06 3.24
N HIS B 315 -7.34 39.31 3.97
CA HIS B 315 -7.79 38.96 5.29
C HIS B 315 -7.95 40.23 6.13
N GLN B 316 -6.96 41.13 6.22
CA GLN B 316 -7.16 42.27 7.16
C GLN B 316 -8.23 43.20 6.65
N VAL B 317 -8.35 43.34 5.34
CA VAL B 317 -9.47 44.12 4.82
C VAL B 317 -10.79 43.50 5.30
N THR B 318 -10.94 42.21 5.09
CA THR B 318 -12.19 41.58 5.40
C THR B 318 -12.53 41.69 6.87
N TYR B 319 -11.58 41.41 7.76
CA TYR B 319 -11.91 41.37 9.19
C TYR B 319 -11.87 42.78 9.81
N SER B 320 -11.66 43.81 9.01
CA SER B 320 -11.82 45.19 9.51
C SER B 320 -13.29 45.49 9.76
N GLN B 321 -14.17 44.82 9.01
CA GLN B 321 -15.62 44.87 9.22
C GLN B 321 -16.14 43.99 10.37
N SER B 322 -15.31 43.65 11.35
CA SER B 322 -15.70 42.70 12.36
C SER B 322 -16.92 43.07 13.20
N PRO B 323 -17.16 44.37 13.46
CA PRO B 323 -18.42 44.70 14.19
C PRO B 323 -19.70 44.47 13.37
N LYS B 324 -19.67 44.81 12.10
CA LYS B 324 -20.80 44.52 11.24
C LYS B 324 -20.98 43.00 10.93
N ILE B 325 -19.89 42.22 11.07
CA ILE B 325 -19.96 40.79 10.87
C ILE B 325 -20.67 40.17 12.06
N ALA B 326 -20.38 40.66 13.25
CA ALA B 326 -20.99 40.09 14.44
C ALA B 326 -22.51 40.39 14.53
N THR B 327 -22.88 41.52 13.93
CA THR B 327 -24.26 41.95 13.94
C THR B 327 -25.06 40.99 13.01
N LEU B 328 -24.50 40.65 11.86
CA LEU B 328 -25.15 39.70 11.01
C LEU B 328 -25.27 38.35 11.73
N MET B 329 -24.22 37.95 12.43
CA MET B 329 -24.19 36.66 13.09
C MET B 329 -25.30 36.59 14.09
N LYS B 330 -25.47 37.64 14.87
CA LYS B 330 -26.64 37.73 15.80
C LYS B 330 -27.96 37.61 15.03
N SER B 331 -28.08 38.32 13.92
CA SER B 331 -29.35 38.34 13.25
C SER B 331 -29.61 36.91 12.83
N VAL B 332 -28.65 36.33 12.11
CA VAL B 332 -28.73 34.94 11.67
C VAL B 332 -29.04 33.93 12.80
N SER B 333 -28.40 34.10 13.93
CA SER B 333 -28.62 33.20 15.07
C SER B 333 -30.06 33.26 15.58
N THR B 334 -30.54 34.48 15.73
CA THR B 334 -31.86 34.75 16.21
C THR B 334 -32.94 34.12 15.37
N SER B 335 -32.88 34.21 14.05
CA SER B 335 -33.85 33.52 13.19
C SER B 335 -33.88 31.99 13.33
N LEU B 336 -32.73 31.35 13.41
CA LEU B 336 -32.68 29.88 13.58
C LEU B 336 -33.12 29.46 14.97
N GLU B 337 -32.87 30.32 15.93
CA GLU B 337 -33.39 30.15 17.26
C GLU B 337 -34.91 30.06 17.35
N LYS B 338 -35.61 30.90 16.57
CA LYS B 338 -37.08 30.94 16.55
C LYS B 338 -37.61 30.08 15.47
N LYS B 339 -36.82 29.10 15.05
CA LYS B 339 -37.20 28.18 13.99
C LYS B 339 -37.54 28.81 12.66
N GLY B 340 -37.01 30.00 12.41
CA GLY B 340 -37.04 30.57 11.07
C GLY B 340 -35.91 30.08 10.18
N HIS B 341 -35.73 30.76 9.04
CA HIS B 341 -34.77 30.36 8.03
C HIS B 341 -33.89 31.53 7.58
N VAL B 342 -32.86 31.22 6.78
CA VAL B 342 -31.83 32.16 6.42
C VAL B 342 -31.56 31.99 4.99
N TYR B 343 -31.66 33.09 4.26
CA TYR B 343 -31.53 33.06 2.81
C TYR B 343 -30.31 33.85 2.43
N LEU B 344 -29.43 33.26 1.67
CA LEU B 344 -28.21 33.92 1.24
C LEU B 344 -28.40 34.05 -0.22
N VAL B 345 -28.65 35.27 -0.68
CA VAL B 345 -28.96 35.51 -2.07
C VAL B 345 -27.82 36.22 -2.72
N GLY B 346 -27.36 35.71 -3.85
CA GLY B 346 -26.07 36.07 -4.31
C GLY B 346 -25.91 36.12 -5.77
N TRP B 347 -25.01 37.01 -6.22
CA TRP B 347 -24.76 37.13 -7.65
C TRP B 347 -23.46 36.49 -8.10
N GLN B 348 -23.55 35.81 -9.22
CA GLN B 348 -22.42 35.22 -9.84
C GLN B 348 -21.79 34.15 -8.94
N THR B 349 -20.49 34.00 -9.12
CA THR B 349 -19.63 33.18 -8.30
C THR B 349 -19.84 33.37 -6.81
N LEU B 350 -20.20 34.57 -6.40
CA LEU B 350 -20.48 34.76 -4.99
C LEU B 350 -21.79 34.06 -4.54
N GLY B 351 -22.71 33.84 -5.48
CA GLY B 351 -23.87 33.09 -5.23
C GLY B 351 -23.53 31.61 -5.04
N ILE B 352 -22.61 31.10 -5.87
CA ILE B 352 -22.13 29.76 -5.74
C ILE B 352 -21.50 29.55 -4.37
N ILE B 353 -20.66 30.49 -3.93
CA ILE B 353 -20.09 30.39 -2.60
C ILE B 353 -21.15 30.38 -1.54
N ALA B 354 -22.23 31.12 -1.77
CA ALA B 354 -23.39 31.17 -0.85
C ALA B 354 -24.13 29.83 -0.79
N ILE B 355 -24.32 29.24 -1.95
CA ILE B 355 -24.97 27.95 -2.02
C ILE B 355 -24.10 27.00 -1.17
N MET B 356 -22.81 26.91 -1.51
CA MET B 356 -21.88 26.06 -0.78
C MET B 356 -21.87 26.27 0.73
N ASP B 357 -22.02 27.46 1.20
CA ASP B 357 -21.91 27.58 2.63
C ASP B 357 -23.07 26.90 3.35
N GLY B 358 -24.29 27.19 2.87
CA GLY B 358 -25.51 26.63 3.43
C GLY B 358 -25.58 25.11 3.38
N VAL B 359 -25.18 24.57 2.26
CA VAL B 359 -25.18 23.14 2.12
C VAL B 359 -24.24 22.50 3.15
N GLU B 360 -23.13 23.18 3.45
CA GLU B 360 -22.12 22.61 4.35
C GLU B 360 -22.64 22.60 5.80
N CYS B 361 -23.53 23.51 6.11
CA CYS B 361 -24.15 23.53 7.44
C CYS B 361 -24.93 22.22 7.70
N ILE B 362 -25.42 21.59 6.64
CA ILE B 362 -26.14 20.34 6.72
C ILE B 362 -25.32 19.30 7.45
N HIS B 363 -24.12 18.99 6.94
CA HIS B 363 -23.34 17.95 7.65
C HIS B 363 -22.52 18.49 8.81
N THR B 364 -22.26 19.79 8.83
CA THR B 364 -21.37 20.31 9.86
C THR B 364 -22.12 20.48 11.17
N PHE B 365 -23.40 20.87 11.12
CA PHE B 365 -24.13 21.23 12.32
C PHE B 365 -25.45 20.49 12.47
N GLY B 366 -25.72 19.50 11.64
CA GLY B 366 -27.02 18.82 11.69
C GLY B 366 -28.21 19.66 11.18
N ALA B 367 -27.94 20.67 10.35
CA ALA B 367 -28.96 21.65 10.01
C ALA B 367 -29.81 21.10 8.91
N ASP B 368 -31.08 21.49 8.89
CA ASP B 368 -31.91 21.19 7.74
C ASP B 368 -31.40 22.03 6.54
N PHE B 369 -31.60 21.48 5.37
CA PHE B 369 -31.35 22.17 4.14
C PHE B 369 -31.81 23.65 4.06
N ARG B 370 -32.83 24.02 4.80
CA ARG B 370 -33.44 25.33 4.55
C ARG B 370 -33.01 26.29 5.61
N ASP B 371 -32.35 25.76 6.63
CA ASP B 371 -31.90 26.56 7.75
C ASP B 371 -30.97 27.68 7.29
N VAL B 372 -30.02 27.36 6.43
CA VAL B 372 -29.16 28.36 5.86
C VAL B 372 -29.04 27.98 4.43
N ARG B 373 -29.79 28.67 3.61
CA ARG B 373 -29.85 28.30 2.22
C ARG B 373 -29.51 29.48 1.31
N GLY B 374 -28.77 29.18 0.28
CA GLY B 374 -28.24 30.16 -0.57
C GLY B 374 -28.81 30.05 -1.95
N PHE B 375 -28.87 31.19 -2.65
CA PHE B 375 -29.40 31.24 -3.99
C PHE B 375 -28.44 31.99 -4.93
N LEU B 376 -28.28 31.42 -6.12
CA LEU B 376 -27.72 32.09 -7.27
C LEU B 376 -28.81 32.73 -8.15
N ILE B 377 -28.85 34.06 -8.15
CA ILE B 377 -29.74 34.83 -9.05
C ILE B 377 -29.11 35.13 -10.41
N GLY B 378 -29.60 34.52 -11.49
CA GLY B 378 -29.03 34.73 -12.83
C GLY B 378 -29.89 34.17 -13.96
N GLN B 393 -31.90 21.05 -10.17
CA GLN B 393 -31.00 19.88 -10.20
C GLN B 393 -30.81 19.35 -8.77
N GLY B 394 -31.84 18.65 -8.25
CA GLY B 394 -31.98 18.32 -6.81
C GLY B 394 -33.06 19.22 -6.21
N PRO B 395 -32.79 19.82 -5.04
CA PRO B 395 -33.48 21.11 -4.78
C PRO B 395 -32.88 22.24 -5.65
N GLN B 396 -33.66 23.28 -5.90
CA GLN B 396 -33.27 24.34 -6.82
C GLN B 396 -32.33 25.35 -6.16
N PHE B 397 -31.30 25.73 -6.91
CA PHE B 397 -30.31 26.72 -6.46
C PHE B 397 -30.09 27.91 -7.44
N THR B 398 -30.25 27.70 -8.75
CA THR B 398 -30.22 28.79 -9.74
C THR B 398 -31.65 29.36 -10.06
N PHE B 399 -31.88 30.62 -9.73
CA PHE B 399 -33.15 31.30 -10.00
C PHE B 399 -33.01 32.56 -10.85
N SER B 400 -33.84 32.69 -11.89
CA SER B 400 -34.11 34.03 -12.47
C SER B 400 -34.70 34.97 -11.39
N GLN B 401 -34.81 36.24 -11.71
CA GLN B 401 -35.46 37.19 -10.81
C GLN B 401 -36.93 36.84 -10.56
N GLU B 402 -37.70 36.70 -11.63
CA GLU B 402 -39.15 36.47 -11.52
C GLU B 402 -39.37 35.13 -10.82
N ASP B 403 -38.69 34.09 -11.33
CA ASP B 403 -38.75 32.75 -10.75
C ASP B 403 -38.49 32.81 -9.27
N PHE B 404 -37.50 33.59 -8.86
CA PHE B 404 -37.26 33.82 -7.47
C PHE B 404 -38.38 34.58 -6.76
N LEU B 405 -38.90 35.63 -7.37
CA LEU B 405 -39.98 36.41 -6.74
C LEU B 405 -41.29 35.61 -6.61
N THR B 406 -41.55 34.82 -7.63
CA THR B 406 -42.72 33.95 -7.68
C THR B 406 -42.62 32.82 -6.67
N SER B 407 -41.53 32.05 -6.80
CA SER B 407 -41.41 30.72 -6.22
C SER B 407 -40.89 30.73 -4.79
N ILE B 408 -40.06 31.72 -4.42
CA ILE B 408 -39.45 31.76 -3.09
C ILE B 408 -39.94 32.88 -2.22
N LEU B 409 -40.19 34.03 -2.82
CA LEU B 409 -40.61 35.16 -1.99
C LEU B 409 -41.75 34.81 -1.00
N PRO B 410 -42.81 34.10 -1.46
CA PRO B 410 -44.01 33.84 -0.61
C PRO B 410 -43.75 33.11 0.71
N SER B 411 -42.82 32.14 0.69
CA SER B 411 -42.41 31.41 1.90
C SER B 411 -41.74 32.28 2.96
N LEU B 412 -41.43 33.54 2.66
CA LEU B 412 -40.76 34.38 3.65
C LEU B 412 -41.68 34.87 4.76
N THR B 413 -41.12 35.01 5.94
CA THR B 413 -41.78 35.33 7.19
C THR B 413 -40.95 36.46 7.83
N GLU B 414 -41.50 37.12 8.85
CA GLU B 414 -40.86 38.32 9.43
C GLU B 414 -39.78 38.07 10.48
N ILE B 415 -39.49 36.81 10.78
CA ILE B 415 -38.38 36.44 11.66
C ILE B 415 -37.17 35.96 10.87
N ASP B 416 -37.37 35.70 9.57
CA ASP B 416 -36.31 35.26 8.66
C ASP B 416 -35.28 36.33 8.43
N THR B 417 -34.07 35.89 8.13
CA THR B 417 -32.96 36.75 7.77
C THR B 417 -32.58 36.48 6.32
N VAL B 418 -32.43 37.55 5.54
CA VAL B 418 -32.03 37.46 4.12
C VAL B 418 -30.76 38.29 3.91
N VAL B 419 -29.74 37.70 3.30
CA VAL B 419 -28.44 38.35 3.09
C VAL B 419 -28.22 38.40 1.62
N PHE B 420 -27.91 39.61 1.10
CA PHE B 420 -27.59 39.76 -0.34
C PHE B 420 -26.10 40.00 -0.48
N ILE B 421 -25.54 39.48 -1.54
CA ILE B 421 -24.12 39.35 -1.71
C ILE B 421 -23.87 39.61 -3.16
N PHE B 422 -23.18 40.71 -3.42
CA PHE B 422 -23.09 41.24 -4.80
C PHE B 422 -21.95 42.21 -4.87
N THR B 423 -21.50 42.44 -6.12
CA THR B 423 -20.55 43.52 -6.45
C THR B 423 -21.24 44.67 -7.18
N LEU B 424 -20.69 45.86 -7.01
CA LEU B 424 -21.19 47.03 -7.75
C LEU B 424 -20.99 46.88 -9.27
N ASP B 425 -20.31 45.84 -9.73
CA ASP B 425 -20.22 45.53 -11.17
C ASP B 425 -21.37 44.61 -11.67
N ASP B 426 -22.21 44.14 -10.77
CA ASP B 426 -23.29 43.24 -11.15
C ASP B 426 -24.43 44.10 -11.69
N ASN B 427 -25.47 43.44 -12.18
CA ASN B 427 -26.74 44.10 -12.56
C ASN B 427 -27.44 44.66 -11.32
N LEU B 428 -27.15 45.90 -10.94
CA LEU B 428 -27.69 46.48 -9.69
C LEU B 428 -29.16 46.89 -9.74
N THR B 429 -29.77 46.80 -10.94
CA THR B 429 -31.20 47.03 -11.05
C THR B 429 -31.91 45.82 -10.45
N GLU B 430 -31.68 44.65 -11.08
CA GLU B 430 -32.01 43.29 -10.55
C GLU B 430 -31.92 43.19 -9.01
N VAL B 431 -30.85 43.75 -8.41
CA VAL B 431 -30.71 43.73 -6.95
C VAL B 431 -31.88 44.46 -6.36
N GLN B 432 -31.92 45.78 -6.55
CA GLN B 432 -32.94 46.61 -5.90
C GLN B 432 -34.35 46.10 -6.19
N THR B 433 -34.66 45.71 -7.41
CA THR B 433 -35.94 44.99 -7.67
C THR B 433 -36.20 43.99 -6.49
N ILE B 434 -35.34 42.96 -6.43
CA ILE B 434 -35.52 41.80 -5.54
C ILE B 434 -35.54 42.16 -4.09
N VAL B 435 -34.72 43.13 -3.70
CA VAL B 435 -34.66 43.49 -2.29
C VAL B 435 -35.85 44.34 -1.89
N GLU B 436 -36.45 45.00 -2.88
CA GLU B 436 -37.63 45.81 -2.63
C GLU B 436 -38.76 44.90 -2.14
N GLN B 437 -39.09 43.90 -2.95
CA GLN B 437 -40.18 42.99 -2.62
C GLN B 437 -39.88 42.08 -1.43
N VAL B 438 -38.61 41.63 -1.26
CA VAL B 438 -38.21 40.91 -0.03
C VAL B 438 -38.45 41.73 1.23
N LYS B 439 -38.15 43.02 1.15
CA LYS B 439 -38.18 43.90 2.33
C LYS B 439 -39.55 44.00 3.00
N GLU B 440 -40.62 43.85 2.25
CA GLU B 440 -41.94 43.92 2.87
C GLU B 440 -42.25 42.72 3.79
N LYS B 441 -41.77 41.54 3.39
CA LYS B 441 -41.95 40.29 4.15
C LYS B 441 -41.19 40.30 5.49
N THR B 442 -40.01 40.92 5.53
CA THR B 442 -39.17 40.90 6.74
C THR B 442 -38.32 42.16 6.91
N ASN B 443 -38.07 42.52 8.16
CA ASN B 443 -37.14 43.61 8.47
C ASN B 443 -35.66 43.21 8.48
N HIS B 444 -35.38 41.93 8.73
CA HIS B 444 -34.01 41.47 9.01
C HIS B 444 -33.23 41.15 7.74
N ILE B 445 -32.77 42.22 7.07
CA ILE B 445 -31.93 42.12 5.89
C ILE B 445 -30.63 42.80 6.20
N GLN B 446 -29.58 42.37 5.51
CA GLN B 446 -28.21 42.89 5.66
C GLN B 446 -27.66 42.59 4.26
N ALA B 447 -26.62 43.32 3.88
CA ALA B 447 -25.98 43.09 2.59
C ALA B 447 -24.49 43.05 2.79
N LEU B 448 -23.82 42.48 1.81
CA LEU B 448 -22.38 42.33 1.80
C LEU B 448 -21.99 42.68 0.41
N ALA B 449 -21.43 43.87 0.20
CA ALA B 449 -21.18 44.37 -1.17
C ALA B 449 -19.72 44.76 -1.40
N HIS B 450 -19.17 44.31 -2.50
CA HIS B 450 -17.81 44.57 -2.88
C HIS B 450 -17.72 45.66 -3.96
N SER B 451 -16.75 46.55 -3.80
CA SER B 451 -16.51 47.67 -4.72
C SER B 451 -15.02 47.96 -4.86
N THR B 452 -14.60 48.52 -5.99
CA THR B 452 -13.34 49.29 -6.02
C THR B 452 -13.58 50.68 -5.40
N VAL B 453 -12.63 51.18 -4.59
CA VAL B 453 -12.69 52.60 -4.14
C VAL B 453 -12.77 53.49 -5.38
N GLY B 454 -13.58 54.51 -5.27
CA GLY B 454 -14.14 55.17 -6.45
C GLY B 454 -15.60 54.81 -6.44
N GLN B 455 -15.98 53.92 -7.37
CA GLN B 455 -17.31 53.28 -7.42
C GLN B 455 -18.21 53.56 -6.23
N THR B 456 -19.44 53.97 -6.50
CA THR B 456 -20.30 54.58 -5.48
C THR B 456 -21.66 53.82 -5.38
N LEU B 457 -22.24 53.75 -4.18
CA LEU B 457 -23.44 52.91 -3.98
C LEU B 457 -24.78 53.64 -4.22
N PRO B 458 -25.48 53.33 -5.34
CA PRO B 458 -26.80 53.93 -5.59
C PRO B 458 -27.67 54.09 -4.35
N ILE B 459 -28.37 55.23 -4.31
CA ILE B 459 -29.07 55.74 -3.12
C ILE B 459 -30.38 55.00 -2.79
N PRO B 460 -31.17 54.62 -3.82
CA PRO B 460 -32.29 53.72 -3.53
C PRO B 460 -31.86 52.44 -2.81
N LEU B 461 -30.71 51.86 -3.20
CA LEU B 461 -30.10 50.74 -2.49
C LEU B 461 -29.60 51.13 -1.08
N LYS B 462 -28.81 52.18 -1.00
CA LYS B 462 -28.25 52.62 0.27
C LYS B 462 -29.38 52.93 1.28
N LYS B 463 -30.52 53.41 0.75
CA LYS B 463 -31.77 53.59 1.54
C LYS B 463 -32.18 52.29 2.23
N LEU B 464 -32.27 51.23 1.42
CA LEU B 464 -32.64 49.90 1.88
C LEU B 464 -31.69 49.28 2.92
N PHE B 465 -30.38 49.55 2.84
CA PHE B 465 -29.42 48.97 3.81
C PHE B 465 -28.82 49.99 4.79
N PRO B 466 -29.39 50.06 6.02
CA PRO B 466 -28.86 50.97 7.04
C PRO B 466 -27.34 50.78 7.34
N SER B 467 -26.95 49.62 7.90
CA SER B 467 -25.55 49.33 8.23
C SER B 467 -24.93 48.28 7.31
N ILE B 468 -24.95 48.57 6.02
CA ILE B 468 -24.39 47.67 5.01
C ILE B 468 -22.93 47.27 5.34
N ILE B 469 -22.61 46.02 5.03
CA ILE B 469 -21.26 45.50 5.14
C ILE B 469 -20.56 45.72 3.84
N SER B 470 -19.91 46.88 3.75
CA SER B 470 -19.31 47.28 2.50
C SER B 470 -17.86 46.92 2.61
N ILE B 471 -17.37 46.22 1.60
CA ILE B 471 -15.99 45.82 1.53
C ILE B 471 -15.49 46.50 0.30
N THR B 472 -14.51 47.36 0.50
CA THR B 472 -14.04 48.20 -0.59
C THR B 472 -12.55 47.93 -0.82
N TRP B 473 -12.22 47.66 -2.08
CA TRP B 473 -10.92 47.18 -2.50
C TRP B 473 -10.11 48.29 -3.19
N PRO B 474 -8.90 48.57 -2.67
CA PRO B 474 -7.96 49.42 -3.37
C PRO B 474 -7.80 49.07 -4.85
N LEU B 475 -7.36 50.05 -5.65
CA LEU B 475 -7.02 49.81 -7.04
C LEU B 475 -5.72 49.01 -7.02
N LEU B 476 -5.51 48.24 -8.07
CA LEU B 476 -4.41 47.30 -8.11
C LEU B 476 -4.28 46.89 -9.56
N PHE B 477 -3.06 46.93 -10.08
CA PHE B 477 -2.85 46.53 -11.46
C PHE B 477 -3.32 45.09 -11.61
N PHE B 478 -3.90 44.81 -12.78
CA PHE B 478 -4.19 43.45 -13.20
C PHE B 478 -3.83 43.20 -14.68
N GLU B 479 -3.26 42.04 -14.91
CA GLU B 479 -2.76 41.70 -16.22
C GLU B 479 -3.90 41.45 -17.18
N TYR B 480 -4.74 40.48 -16.87
CA TYR B 480 -5.71 39.97 -17.82
C TYR B 480 -7.03 40.66 -17.64
N GLU B 481 -7.80 40.73 -18.74
CA GLU B 481 -9.07 41.47 -18.76
C GLU B 481 -10.17 40.91 -17.85
N GLY B 482 -10.13 39.60 -17.56
CA GLY B 482 -10.96 39.04 -16.49
C GLY B 482 -10.83 39.65 -15.08
N ASN B 483 -9.71 40.32 -14.76
CA ASN B 483 -9.39 40.80 -13.38
C ASN B 483 -9.62 39.67 -12.33
N PHE B 484 -8.94 38.57 -12.66
CA PHE B 484 -9.02 37.34 -11.93
C PHE B 484 -8.55 37.50 -10.49
N ILE B 485 -7.59 38.40 -10.28
CA ILE B 485 -7.08 38.68 -8.97
C ILE B 485 -8.13 39.36 -8.11
N GLN B 486 -9.00 40.16 -8.70
CA GLN B 486 -10.04 40.86 -7.93
C GLN B 486 -11.13 39.83 -7.58
N LYS B 487 -11.37 38.94 -8.51
CA LYS B 487 -12.36 37.87 -8.40
C LYS B 487 -11.95 36.96 -7.25
N PHE B 488 -10.70 36.49 -7.28
CA PHE B 488 -10.16 35.63 -6.20
C PHE B 488 -10.22 36.29 -4.84
N GLN B 489 -9.90 37.58 -4.77
CA GLN B 489 -10.04 38.26 -3.46
C GLN B 489 -11.46 38.31 -2.98
N ARG B 490 -12.38 38.50 -3.91
CA ARG B 490 -13.78 38.71 -3.54
C ARG B 490 -14.44 37.38 -3.09
N GLU B 491 -14.19 36.33 -3.84
CA GLU B 491 -14.57 34.98 -3.47
C GLU B 491 -13.98 34.67 -2.10
N LEU B 492 -12.71 34.98 -1.90
CA LEU B 492 -12.10 34.59 -0.66
C LEU B 492 -12.70 35.33 0.50
N SER B 493 -12.94 36.61 0.30
CA SER B 493 -13.49 37.47 1.35
C SER B 493 -14.94 37.07 1.69
N THR B 494 -15.69 36.74 0.65
CA THR B 494 -17.05 36.26 0.90
C THR B 494 -17.08 34.90 1.69
N LYS B 495 -16.28 33.96 1.25
CA LYS B 495 -16.10 32.72 2.03
C LYS B 495 -15.85 32.97 3.48
N TRP B 496 -14.89 33.85 3.80
CA TRP B 496 -14.56 34.06 5.21
C TRP B 496 -15.76 34.58 5.94
N VAL B 497 -16.51 35.44 5.28
CA VAL B 497 -17.66 36.07 5.99
C VAL B 497 -18.75 35.07 6.34
N LEU B 498 -19.25 34.41 5.31
CA LEU B 498 -20.26 33.37 5.54
C LEU B 498 -19.78 32.26 6.49
N ASN B 499 -18.58 31.73 6.25
CA ASN B 499 -18.06 30.69 7.17
C ASN B 499 -18.15 31.16 8.60
N THR B 500 -17.74 32.42 8.85
CA THR B 500 -17.72 32.91 10.24
C THR B 500 -19.12 33.07 10.76
N VAL B 501 -20.00 33.59 9.90
CA VAL B 501 -21.38 33.85 10.32
C VAL B 501 -22.09 32.54 10.60
N SER B 502 -22.05 31.65 9.61
CA SER B 502 -22.70 30.36 9.74
C SER B 502 -22.17 29.62 10.95
N THR B 503 -20.86 29.54 11.08
CA THR B 503 -20.27 28.83 12.21
C THR B 503 -20.60 29.52 13.52
N GLY B 504 -20.39 30.83 13.61
CA GLY B 504 -20.71 31.52 14.87
C GLY B 504 -22.19 31.43 15.27
N ALA B 505 -23.06 31.42 14.27
CA ALA B 505 -24.49 31.48 14.59
C ALA B 505 -24.94 30.18 15.29
N HIS B 506 -24.40 29.03 14.87
CA HIS B 506 -24.71 27.76 15.54
C HIS B 506 -24.00 27.65 16.86
N VAL B 507 -22.82 28.24 16.96
CA VAL B 507 -22.17 28.26 18.25
C VAL B 507 -23.01 29.01 19.26
N LEU B 508 -23.61 30.14 18.85
CA LEU B 508 -24.40 30.94 19.83
C LEU B 508 -25.64 30.20 20.29
N LEU B 509 -26.15 29.32 19.42
CA LEU B 509 -27.23 28.43 19.78
C LEU B 509 -26.85 27.34 20.74
N GLY B 510 -25.57 27.13 21.05
CA GLY B 510 -25.19 26.10 22.03
C GLY B 510 -24.99 24.71 21.44
N LYS B 511 -24.70 24.64 20.13
CA LYS B 511 -24.45 23.37 19.40
C LYS B 511 -23.03 22.80 19.53
N ILE B 512 -22.13 23.55 20.13
CA ILE B 512 -20.72 23.28 20.03
C ILE B 512 -20.28 23.14 21.44
N LEU B 513 -19.53 22.08 21.70
CA LEU B 513 -19.05 21.75 23.02
C LEU B 513 -17.58 22.12 23.11
N GLN B 514 -17.26 23.21 23.84
CA GLN B 514 -15.93 23.79 23.85
C GLN B 514 -15.57 24.31 22.41
N ASN B 515 -14.77 23.56 21.66
CA ASN B 515 -14.65 23.78 20.22
C ASN B 515 -14.84 22.49 19.42
N HIS B 516 -15.64 21.58 19.95
CA HIS B 516 -15.95 20.35 19.20
C HIS B 516 -17.42 20.28 18.86
N MET B 517 -17.70 19.74 17.70
CA MET B 517 -19.04 19.41 17.30
C MET B 517 -19.19 17.92 17.61
N LEU B 518 -19.81 17.66 18.73
CA LEU B 518 -19.96 16.34 19.28
C LEU B 518 -21.05 15.54 18.56
N ASP B 519 -22.19 16.17 18.32
CA ASP B 519 -23.31 15.49 17.69
C ASP B 519 -23.20 15.43 16.15
N LEU B 520 -22.07 15.00 15.60
CA LEU B 520 -21.95 14.90 14.15
C LEU B 520 -22.53 13.56 13.65
N ARG B 521 -23.01 13.56 12.43
CA ARG B 521 -23.45 12.36 11.77
C ARG B 521 -22.23 11.62 11.24
N ILE B 522 -22.07 10.35 11.63
CA ILE B 522 -20.90 9.60 11.17
C ILE B 522 -21.16 9.19 9.77
N SER B 523 -20.54 9.85 8.79
CA SER B 523 -20.82 9.47 7.39
C SER B 523 -19.66 9.02 6.51
N ASN B 524 -18.47 8.93 7.10
CA ASN B 524 -17.37 8.30 6.41
C ASN B 524 -16.35 7.87 7.47
N SER B 525 -15.30 7.22 7.03
CA SER B 525 -14.34 6.69 7.97
C SER B 525 -13.68 7.76 8.84
N LYS B 526 -13.44 8.93 8.25
CA LYS B 526 -12.78 10.02 8.94
C LYS B 526 -13.64 10.44 10.09
N LEU B 527 -14.96 10.54 9.87
CA LEU B 527 -15.88 10.99 10.92
C LEU B 527 -16.03 9.95 12.00
N PHE B 528 -15.85 8.69 11.61
CA PHE B 528 -15.87 7.61 12.56
C PHE B 528 -14.70 7.75 13.53
N TRP B 529 -13.52 8.00 12.99
CA TRP B 529 -12.36 8.20 13.86
C TRP B 529 -12.42 9.44 14.66
N ARG B 530 -13.09 10.47 14.14
CA ARG B 530 -13.20 11.73 14.88
C ARG B 530 -14.12 11.52 16.05
N ALA B 531 -15.24 10.83 15.82
CA ALA B 531 -16.13 10.45 16.92
C ALA B 531 -15.36 9.64 17.97
N LEU B 532 -14.53 8.71 17.54
CA LEU B 532 -13.86 7.87 18.52
C LEU B 532 -12.91 8.72 19.32
N ALA B 533 -12.20 9.61 18.67
CA ALA B 533 -11.34 10.55 19.41
C ALA B 533 -12.10 11.43 20.37
N MET B 534 -13.35 11.73 20.09
CA MET B 534 -14.07 12.61 21.00
C MET B 534 -14.53 11.85 22.22
N LEU B 535 -14.90 10.61 22.03
CA LEU B 535 -15.13 9.73 23.17
C LEU B 535 -13.94 9.63 24.10
N GLN B 536 -12.77 9.39 23.58
CA GLN B 536 -11.56 9.41 24.43
C GLN B 536 -11.35 10.75 25.16
N ARG B 537 -11.56 11.85 24.46
CA ARG B 537 -11.24 13.09 25.08
C ARG B 537 -12.27 13.53 26.16
N PHE B 538 -13.55 13.28 25.96
CA PHE B 538 -14.55 13.70 26.96
C PHE B 538 -14.84 12.63 28.02
N SER B 539 -14.59 11.35 27.74
CA SER B 539 -14.76 10.29 28.73
C SER B 539 -13.47 10.06 29.54
N GLY B 540 -12.32 10.21 28.89
CA GLY B 540 -11.04 9.91 29.51
C GLY B 540 -10.86 8.42 29.68
N GLN B 541 -11.84 7.60 29.23
CA GLN B 541 -11.76 6.15 29.46
C GLN B 541 -11.01 5.48 28.34
N SER B 542 -10.74 4.19 28.50
CA SER B 542 -9.82 3.49 27.62
C SER B 542 -10.39 3.32 26.22
N LYS B 543 -9.50 2.88 25.36
CA LYS B 543 -9.75 2.64 23.97
C LYS B 543 -10.82 1.59 23.78
N ALA B 544 -10.71 0.47 24.48
CA ALA B 544 -11.63 -0.63 24.21
C ALA B 544 -13.05 -0.29 24.67
N ARG B 545 -13.17 0.56 25.69
CA ARG B 545 -14.50 0.97 26.17
C ARG B 545 -15.14 2.03 25.25
N CYS B 546 -14.32 2.96 24.75
CA CYS B 546 -14.77 3.95 23.80
C CYS B 546 -15.19 3.27 22.52
N ILE B 547 -14.39 2.34 22.02
CA ILE B 547 -14.80 1.64 20.83
C ILE B 547 -16.11 0.94 21.09
N GLU B 548 -16.15 0.13 22.14
CA GLU B 548 -17.34 -0.68 22.39
C GLU B 548 -18.58 0.16 22.59
N SER B 549 -18.47 1.23 23.33
CA SER B 549 -19.63 2.12 23.42
C SER B 549 -20.06 2.69 22.05
N LEU B 550 -19.08 3.06 21.20
CA LEU B 550 -19.38 3.60 19.86
C LEU B 550 -20.09 2.58 19.05
N LEU B 551 -19.51 1.39 18.96
CA LEU B 551 -20.20 0.33 18.19
C LEU B 551 -21.58 -0.06 18.71
N ARG B 552 -21.76 -0.07 20.01
CA ARG B 552 -23.09 -0.41 20.55
C ARG B 552 -24.13 0.64 20.20
N ALA B 553 -23.75 1.91 20.33
CA ALA B 553 -24.65 3.02 20.05
C ALA B 553 -25.06 2.97 18.58
N ILE B 554 -24.13 2.61 17.72
CA ILE B 554 -24.40 2.55 16.30
C ILE B 554 -25.34 1.44 15.98
N HIS B 555 -24.96 0.26 16.41
CA HIS B 555 -25.74 -0.89 15.99
C HIS B 555 -27.01 -1.24 16.76
N PHE B 556 -27.20 -0.65 17.93
CA PHE B 556 -28.42 -0.85 18.74
C PHE B 556 -29.63 -0.78 17.84
N PRO B 557 -30.62 -1.68 18.01
CA PRO B 557 -30.80 -2.74 19.02
C PRO B 557 -30.02 -4.05 18.81
N GLN B 558 -29.20 -4.17 17.78
CA GLN B 558 -28.42 -5.38 17.64
C GLN B 558 -27.34 -5.32 18.70
N PRO B 559 -27.00 -6.46 19.31
CA PRO B 559 -25.85 -6.53 20.21
C PRO B 559 -24.59 -6.74 19.43
N LEU B 560 -23.49 -6.38 20.06
CA LEU B 560 -22.16 -6.65 19.56
C LEU B 560 -21.79 -8.09 19.30
N SER B 561 -22.13 -8.66 18.16
CA SER B 561 -21.54 -9.92 17.77
C SER B 561 -20.04 -9.80 17.46
N ASP B 562 -19.35 -10.93 17.35
CA ASP B 562 -17.96 -10.98 16.81
C ASP B 562 -17.83 -10.41 15.38
N ASP B 563 -18.83 -10.67 14.55
CA ASP B 563 -18.86 -10.24 13.19
C ASP B 563 -18.91 -8.72 13.09
N ILE B 564 -19.65 -8.09 14.00
CA ILE B 564 -19.74 -6.66 14.07
C ILE B 564 -18.40 -6.16 14.57
N ARG B 565 -17.81 -6.75 15.59
CA ARG B 565 -16.45 -6.27 16.04
C ARG B 565 -15.40 -6.27 14.95
N ALA B 566 -15.56 -7.15 13.98
CA ALA B 566 -14.47 -7.41 13.03
C ALA B 566 -14.82 -6.87 11.66
N ALA B 567 -15.97 -6.24 11.56
CA ALA B 567 -16.49 -5.79 10.28
C ALA B 567 -15.64 -4.62 9.72
N PRO B 568 -15.69 -4.41 8.40
CA PRO B 568 -15.02 -3.17 7.89
C PRO B 568 -15.69 -1.90 8.43
N ILE B 569 -14.91 -0.84 8.64
CA ILE B 569 -15.43 0.47 9.06
C ILE B 569 -16.60 0.97 8.24
N SER B 570 -16.59 0.79 6.92
CA SER B 570 -17.77 1.17 6.13
C SER B 570 -19.08 0.52 6.58
N CYS B 571 -19.00 -0.63 7.27
CA CYS B 571 -20.18 -1.28 7.83
C CYS B 571 -20.77 -0.39 8.97
N HIS B 572 -19.93 0.06 9.87
CA HIS B 572 -20.40 0.92 10.93
C HIS B 572 -20.92 2.22 10.37
N VAL B 573 -20.22 2.71 9.37
CA VAL B 573 -20.59 3.98 8.79
C VAL B 573 -21.95 3.87 8.15
N GLN B 574 -22.17 2.82 7.35
CA GLN B 574 -23.47 2.71 6.65
C GLN B 574 -24.61 2.75 7.67
N VAL B 575 -24.46 2.09 8.82
CA VAL B 575 -25.53 2.05 9.77
C VAL B 575 -25.67 3.35 10.53
N ALA B 576 -24.53 3.87 10.99
CA ALA B 576 -24.53 5.11 11.78
C ALA B 576 -25.06 6.33 11.07
N HIS B 577 -24.99 6.31 9.74
CA HIS B 577 -25.40 7.39 8.89
C HIS B 577 -26.89 7.62 8.96
N GLU B 578 -27.67 6.56 9.13
CA GLU B 578 -29.11 6.69 9.26
C GLU B 578 -29.62 7.13 10.64
N LYS B 579 -28.77 7.26 11.65
CA LYS B 579 -29.28 7.46 13.02
C LYS B 579 -29.04 8.85 13.56
N GLU B 580 -29.67 9.13 14.68
CA GLU B 580 -29.54 10.40 15.37
C GLU B 580 -28.78 10.27 16.72
N GLN B 581 -27.93 11.25 17.04
CA GLN B 581 -27.39 11.37 18.37
C GLN B 581 -26.57 10.11 18.76
N VAL B 582 -26.02 9.43 17.78
CA VAL B 582 -25.15 8.35 18.08
C VAL B 582 -24.05 8.71 19.09
N ILE B 583 -23.37 9.84 18.92
CA ILE B 583 -22.20 10.07 19.77
C ILE B 583 -22.59 10.49 21.15
N PRO B 584 -23.60 11.35 21.29
CA PRO B 584 -24.00 11.69 22.66
C PRO B 584 -24.56 10.48 23.45
N ILE B 585 -25.30 9.62 22.80
CA ILE B 585 -25.71 8.39 23.42
C ILE B 585 -24.50 7.54 23.84
N ALA B 586 -23.50 7.41 22.97
CA ALA B 586 -22.33 6.62 23.32
C ALA B 586 -21.55 7.26 24.45
N LEU B 587 -21.51 8.60 24.51
CA LEU B 587 -20.75 9.25 25.55
C LEU B 587 -21.47 9.09 26.91
N LEU B 588 -22.79 9.23 26.90
CA LEU B 588 -23.55 9.07 28.12
C LEU B 588 -23.37 7.66 28.66
N SER B 589 -23.49 6.64 27.80
CA SER B 589 -23.20 5.25 28.20
C SER B 589 -21.89 5.14 28.98
N LEU B 590 -20.88 5.84 28.52
CA LEU B 590 -19.57 5.80 29.13
C LEU B 590 -19.56 6.54 30.46
N LEU B 591 -19.97 7.79 30.44
CA LEU B 591 -19.96 8.62 31.63
C LEU B 591 -20.77 8.01 32.79
N PHE B 592 -22.05 7.71 32.55
CA PHE B 592 -22.83 6.96 33.54
C PHE B 592 -22.49 5.47 33.74
N ARG B 593 -21.50 4.92 33.03
CA ARG B 593 -21.20 3.51 33.16
C ARG B 593 -22.44 2.65 32.99
N CYS B 594 -23.31 3.04 32.07
CA CYS B 594 -24.58 2.32 31.87
C CYS B 594 -24.74 1.73 30.48
N SER B 595 -25.94 1.30 30.14
CA SER B 595 -26.28 0.72 28.84
C SER B 595 -26.96 1.72 27.91
N ILE B 596 -26.98 1.37 26.62
CA ILE B 596 -27.65 2.15 25.60
C ILE B 596 -29.09 2.37 25.96
N THR B 597 -29.81 1.30 26.29
CA THR B 597 -31.22 1.40 26.71
C THR B 597 -31.37 2.51 27.78
N GLU B 598 -30.44 2.59 28.71
CA GLU B 598 -30.51 3.60 29.78
C GLU B 598 -29.99 4.99 29.37
N ALA B 599 -29.10 5.06 28.39
CA ALA B 599 -28.56 6.36 27.98
C ALA B 599 -29.60 7.02 27.10
N GLN B 600 -30.28 6.23 26.27
CA GLN B 600 -31.34 6.79 25.47
C GLN B 600 -32.48 7.37 26.24
N ALA B 601 -32.86 6.72 27.34
CA ALA B 601 -34.04 7.16 28.11
C ALA B 601 -33.70 8.39 28.92
N HIS B 602 -32.46 8.45 29.40
CA HIS B 602 -31.98 9.64 30.03
C HIS B 602 -32.03 10.84 29.07
N LEU B 603 -31.46 10.65 27.89
CA LEU B 603 -31.43 11.69 26.87
C LEU B 603 -32.82 12.18 26.60
N ALA B 604 -33.71 11.27 26.24
CA ALA B 604 -35.11 11.58 25.93
C ALA B 604 -35.90 12.29 27.05
N ALA B 605 -35.40 12.27 28.29
CA ALA B 605 -36.08 12.91 29.43
C ALA B 605 -35.51 14.30 29.74
N ALA B 606 -34.28 14.55 29.33
CA ALA B 606 -33.67 15.87 29.50
C ALA B 606 -34.21 16.91 28.48
N PRO B 607 -34.03 18.21 28.77
CA PRO B 607 -34.62 19.22 27.89
C PRO B 607 -33.96 19.25 26.49
N SER B 608 -32.64 19.37 26.44
CA SER B 608 -31.93 19.30 25.16
C SER B 608 -30.75 18.34 25.27
N VAL B 609 -30.36 17.81 24.12
CA VAL B 609 -29.11 17.04 24.01
C VAL B 609 -27.94 17.81 24.53
N CYS B 610 -27.97 19.13 24.39
CA CYS B 610 -26.86 19.96 24.84
C CYS B 610 -26.85 19.99 26.38
N GLU B 611 -28.01 20.23 26.98
CA GLU B 611 -28.08 20.27 28.43
C GLU B 611 -27.81 18.87 28.99
N ALA B 612 -28.35 17.83 28.36
CA ALA B 612 -28.11 16.45 28.84
C ALA B 612 -26.63 16.10 28.79
N VAL B 613 -25.94 16.44 27.71
CA VAL B 613 -24.49 16.14 27.65
C VAL B 613 -23.72 16.92 28.69
N ARG B 614 -24.01 18.22 28.79
CA ARG B 614 -23.31 19.14 29.71
C ARG B 614 -23.42 18.76 31.18
N SER B 615 -24.66 18.53 31.63
CA SER B 615 -24.93 18.09 33.00
C SER B 615 -24.17 16.81 33.38
N ALA B 616 -24.09 15.85 32.47
CA ALA B 616 -23.30 14.64 32.75
C ALA B 616 -21.81 14.93 32.85
N LEU B 617 -21.31 15.82 32.00
CA LEU B 617 -19.89 16.13 32.08
C LEU B 617 -19.46 16.59 33.47
N ALA B 618 -20.24 17.46 34.12
CA ALA B 618 -19.87 18.02 35.44
C ALA B 618 -19.41 16.99 36.51
#